data_9BLX
#
_entry.id   9BLX
#
_cell.length_a   166.865
_cell.length_b   118.834
_cell.length_c   66.541
_cell.angle_alpha   90.000
_cell.angle_beta   104.705
_cell.angle_gamma   90.000
#
_symmetry.space_group_name_H-M   'C 1 2 1'
#
loop_
_entity.id
_entity.type
_entity.pdbx_description
1 polymer 'ITS111.01 Heavy'
2 polymer 'ITS111.01 Light'
3 polymer 'Envelope glycoprotein gp160'
4 non-polymer 'TETRAETHYLENE GLYCOL'
5 non-polymer GLYCEROL
6 water water
#
loop_
_entity_poly.entity_id
_entity_poly.type
_entity_poly.pdbx_seq_one_letter_code
_entity_poly.pdbx_strand_id
1 'polypeptide(L)'
;QVQLQESGPGLVEPSETLSLTCTVSGGSISSSNWWTWIRQPPGKGLEWIGNIGGNSGKTFYNPSLKSRVTISKDTSKKQF
SLRLSSVAAADTAVYYCARHSSGYFTLYALDSWGQGVVVTVSSASTKGPSVFPLAPSSKSTSGGTAALGCLVKDYFPEPV
TVSWNSGALTSGVHTFPAVLQSSGLYSLSSVVTVPSSSLGTQTYICNVNHKPSNTKVDKRVEPKSCDKGLEV
;
H,A
2 'polypeptide(L)'
;DIQMTQSPSSLSASVGDRVTITCRASQDISYYLAWYQQKPGKAPNLLIYQASTLQGGVPSRFSGSGSGTDFTLTISSLQP
EDFATYYCQYHNSDPFTFGPGTKLDIRRTVAAPSVFIFPPSDEQLKSGTASVVCLLNNFYPREAKVQWKVDNALQSGNSQ
ESVTEQDSKDSTYSLSSTLTLSKADYEKHKVYACEVTHQGLSSPVTKSFNRGE
;
L,B
3 'polypeptide(L)' LQKLNSWDVFGNWFDLASWIKYIQRRR I,G
#
# COMPACT_ATOMS: atom_id res chain seq x y z
N GLN A 1 13.75 -13.36 35.12
CA GLN A 1 12.57 -14.16 35.57
C GLN A 1 11.46 -14.13 34.50
N VAL A 2 10.22 -13.86 34.93
CA VAL A 2 9.08 -13.99 34.02
C VAL A 2 9.06 -12.81 33.05
N GLN A 3 8.88 -13.11 31.77
CA GLN A 3 8.65 -12.10 30.74
C GLN A 3 7.40 -12.48 29.94
N LEU A 4 6.63 -11.48 29.54
CA LEU A 4 5.32 -11.68 28.96
C LEU A 4 5.29 -11.05 27.58
N GLN A 5 4.74 -11.78 26.60
CA GLN A 5 4.56 -11.31 25.23
C GLN A 5 3.10 -11.50 24.81
N GLU A 6 2.43 -10.40 24.52
CA GLU A 6 1.03 -10.41 24.16
CA GLU A 6 1.02 -10.38 24.17
C GLU A 6 0.83 -10.47 22.65
N SER A 7 -0.27 -11.11 22.26
CA SER A 7 -0.60 -11.20 20.85
C SER A 7 -2.12 -11.10 20.71
N GLY A 8 -2.55 -10.63 19.55
CA GLY A 8 -3.96 -10.51 19.25
C GLY A 8 -4.24 -9.44 18.23
N PRO A 9 -5.49 -9.34 17.77
CA PRO A 9 -5.82 -8.45 16.65
C PRO A 9 -5.96 -7.01 17.12
N GLY A 10 -5.61 -6.10 16.22
CA GLY A 10 -5.75 -4.68 16.46
C GLY A 10 -7.12 -4.11 16.19
N LEU A 11 -7.97 -4.88 15.52
CA LEU A 11 -9.26 -4.39 15.04
C LEU A 11 -10.26 -5.52 15.10
N VAL A 12 -11.40 -5.26 15.76
CA VAL A 12 -12.53 -6.20 15.89
C VAL A 12 -13.82 -5.46 15.55
N GLU A 13 -14.74 -6.15 14.88
CA GLU A 13 -15.98 -5.42 14.59
C GLU A 13 -17.00 -5.62 15.69
N PRO A 14 -17.90 -4.65 15.88
CA PRO A 14 -18.86 -4.74 16.98
C PRO A 14 -19.62 -6.04 16.91
N SER A 15 -19.92 -6.62 18.08
CA SER A 15 -20.70 -7.82 18.33
C SER A 15 -19.85 -9.07 18.13
N GLU A 16 -18.62 -8.95 17.62
CA GLU A 16 -17.75 -10.10 17.48
C GLU A 16 -16.99 -10.35 18.79
N THR A 17 -16.15 -11.38 18.80
CA THR A 17 -15.41 -11.78 19.99
C THR A 17 -13.94 -11.38 19.84
N LEU A 18 -13.42 -10.72 20.86
CA LEU A 18 -12.02 -10.36 20.94
C LEU A 18 -11.27 -11.44 21.71
N SER A 19 -10.20 -11.95 21.14
CA SER A 19 -9.32 -12.89 21.82
C SER A 19 -7.89 -12.37 21.81
N LEU A 20 -7.26 -12.40 22.99
CA LEU A 20 -5.86 -12.06 23.17
C LEU A 20 -5.14 -13.21 23.86
N THR A 21 -3.85 -13.34 23.58
CA THR A 21 -3.04 -14.38 24.19
C THR A 21 -1.73 -13.78 24.71
N CYS A 22 -1.29 -14.28 25.85
CA CYS A 22 -0.03 -13.90 26.45
C CYS A 22 0.87 -15.13 26.54
N THR A 23 2.09 -15.04 26.03
CA THR A 23 3.08 -16.12 26.10
C THR A 23 4.12 -15.80 27.17
N VAL A 24 4.35 -16.75 28.07
CA VAL A 24 5.18 -16.57 29.25
C VAL A 24 6.47 -17.35 29.07
N SER A 25 7.58 -16.71 29.44
CA SER A 25 8.89 -17.35 29.52
C SER A 25 9.48 -17.02 30.88
N GLY A 26 10.41 -17.88 31.32
CA GLY A 26 11.04 -17.73 32.63
C GLY A 26 10.25 -18.31 33.77
N GLY A 27 9.18 -19.05 33.50
CA GLY A 27 8.36 -19.63 34.55
C GLY A 27 7.26 -20.45 33.93
N SER A 28 6.67 -21.31 34.75
CA SER A 28 5.55 -22.14 34.32
C SER A 28 4.25 -21.39 34.55
N ILE A 29 3.29 -21.61 33.63
CA ILE A 29 1.91 -21.21 33.89
C ILE A 29 1.42 -21.82 35.21
N SER A 30 1.76 -23.08 35.46
CA SER A 30 1.36 -23.77 36.67
C SER A 30 2.30 -23.31 37.76
N SER A 31 1.85 -22.32 38.53
CA SER A 31 2.67 -21.65 39.53
C SER A 31 1.71 -20.85 40.41
N SER A 32 2.25 -20.33 41.52
CA SER A 32 1.44 -19.57 42.47
C SER A 32 1.09 -18.17 41.96
N ASN A 33 1.43 -17.85 40.71
CA ASN A 33 1.08 -16.56 40.16
C ASN A 33 -0.40 -16.49 39.82
N TRP A 34 -0.92 -15.28 39.71
CA TRP A 34 -2.25 -15.04 39.17
C TRP A 34 -2.06 -14.29 37.84
N TRP A 35 -2.33 -14.96 36.72
CA TRP A 35 -2.18 -14.36 35.40
C TRP A 35 -3.34 -13.45 35.11
N THR A 36 -3.06 -12.23 34.68
CA THR A 36 -4.00 -11.11 34.78
C THR A 36 -4.14 -10.38 33.45
N TRP A 37 -5.30 -9.76 33.28
CA TRP A 37 -5.57 -8.90 32.14
C TRP A 37 -6.06 -7.55 32.65
N ILE A 38 -5.53 -6.50 32.06
CA ILE A 38 -5.78 -5.11 32.42
C ILE A 38 -6.08 -4.37 31.11
N ARG A 39 -6.95 -3.37 31.16
CA ARG A 39 -7.11 -2.51 29.99
C ARG A 39 -7.09 -1.04 30.37
N GLN A 40 -6.90 -0.23 29.33
CA GLN A 40 -6.83 1.22 29.48
C GLN A 40 -7.53 1.88 28.32
N PRO A 41 -8.78 2.32 28.50
CA PRO A 41 -9.51 3.00 27.41
C PRO A 41 -8.86 4.34 27.07
N PRO A 42 -9.07 4.85 25.87
CA PRO A 42 -8.38 6.09 25.47
C PRO A 42 -8.74 7.26 26.37
N GLY A 43 -7.72 7.97 26.83
CA GLY A 43 -7.90 9.05 27.75
C GLY A 43 -8.23 8.68 29.18
N LYS A 44 -8.22 7.40 29.55
CA LYS A 44 -8.70 7.00 30.85
C LYS A 44 -7.58 6.26 31.59
N GLY A 45 -7.91 5.86 32.80
CA GLY A 45 -6.98 5.13 33.63
C GLY A 45 -7.03 3.64 33.38
N LEU A 46 -6.39 2.91 34.28
CA LEU A 46 -6.26 1.46 34.20
C LEU A 46 -7.44 0.78 34.85
N GLU A 47 -7.84 -0.35 34.28
CA GLU A 47 -9.01 -1.11 34.72
C GLU A 47 -8.60 -2.57 34.75
N TRP A 48 -8.63 -3.19 35.94
CA TRP A 48 -8.45 -4.63 36.05
C TRP A 48 -9.62 -5.40 35.42
N ILE A 49 -9.32 -6.38 34.59
CA ILE A 49 -10.34 -7.18 33.90
C ILE A 49 -10.61 -8.49 34.62
N GLY A 50 -9.58 -9.24 34.93
CA GLY A 50 -9.73 -10.46 35.70
C GLY A 50 -8.41 -11.19 35.79
N ASN A 51 -8.43 -12.33 36.48
CA ASN A 51 -7.21 -13.12 36.61
C ASN A 51 -7.58 -14.59 36.64
N ILE A 52 -6.55 -15.43 36.61
CA ILE A 52 -6.66 -16.87 36.75
C ILE A 52 -5.47 -17.37 37.57
N GLY A 53 -5.76 -18.22 38.54
CA GLY A 53 -4.70 -18.81 39.37
C GLY A 53 -3.90 -19.83 38.56
N GLY A 54 -2.59 -19.64 38.46
CA GLY A 54 -1.79 -20.52 37.61
C GLY A 54 -1.90 -21.98 37.95
N ASN A 55 -2.00 -22.28 39.25
CA ASN A 55 -2.14 -23.66 39.67
C ASN A 55 -3.59 -24.09 39.81
N SER A 56 -4.41 -23.29 40.51
CA SER A 56 -5.75 -23.74 40.84
C SER A 56 -6.74 -23.58 39.69
N GLY A 57 -6.49 -22.68 38.74
CA GLY A 57 -7.44 -22.39 37.69
C GLY A 57 -8.65 -21.57 38.12
N LYS A 58 -8.67 -21.10 39.38
CA LYS A 58 -9.77 -20.24 39.86
C LYS A 58 -9.73 -18.89 39.13
N THR A 59 -10.85 -18.41 38.61
CA THR A 59 -10.92 -17.14 37.90
C THR A 59 -11.77 -16.14 38.70
N PHE A 60 -11.38 -14.86 38.59
CA PHE A 60 -12.07 -13.73 39.18
C PHE A 60 -12.18 -12.65 38.12
N TYR A 61 -13.32 -11.96 38.05
CA TYR A 61 -13.60 -11.04 36.96
C TYR A 61 -14.17 -9.73 37.48
N ASN A 62 -13.89 -8.66 36.78
CA ASN A 62 -14.43 -7.36 37.12
C ASN A 62 -15.94 -7.39 36.89
N PRO A 63 -16.74 -6.98 37.86
CA PRO A 63 -18.20 -7.09 37.72
C PRO A 63 -18.78 -6.31 36.55
N SER A 64 -18.11 -5.25 36.10
CA SER A 64 -18.60 -4.54 34.92
C SER A 64 -18.38 -5.28 33.61
N LEU A 65 -17.71 -6.45 33.64
CA LEU A 65 -17.42 -7.23 32.44
C LEU A 65 -17.68 -8.75 32.56
N LYS A 66 -18.02 -9.26 33.74
CA LYS A 66 -17.87 -10.68 34.00
C LYS A 66 -18.71 -11.54 33.04
N SER A 67 -19.87 -11.05 32.56
CA SER A 67 -20.67 -11.92 31.70
C SER A 67 -20.06 -12.07 30.31
N ARG A 68 -19.12 -11.22 29.93
CA ARG A 68 -18.55 -11.29 28.61
C ARG A 68 -17.10 -11.72 28.58
N VAL A 69 -16.48 -11.96 29.73
N VAL A 69 -16.45 -11.90 29.73
CA VAL A 69 -15.05 -12.19 29.85
CA VAL A 69 -15.02 -12.18 29.79
C VAL A 69 -14.83 -13.64 30.27
C VAL A 69 -14.82 -13.62 30.26
N THR A 70 -13.84 -14.28 29.65
CA THR A 70 -13.40 -15.60 30.03
C THR A 70 -11.88 -15.58 29.97
N ILE A 71 -11.20 -16.06 31.00
CA ILE A 71 -9.74 -16.17 31.03
C ILE A 71 -9.39 -17.64 31.17
N SER A 72 -8.41 -18.09 30.41
CA SER A 72 -8.07 -19.50 30.36
C SER A 72 -6.56 -19.62 30.20
N LYS A 73 -6.04 -20.84 30.38
CA LYS A 73 -4.60 -21.02 30.39
C LYS A 73 -4.26 -22.38 29.83
N ASP A 74 -3.05 -22.51 29.28
CA ASP A 74 -2.56 -23.75 28.69
C ASP A 74 -1.08 -23.85 29.08
N THR A 75 -0.80 -24.64 30.12
CA THR A 75 0.57 -24.72 30.62
C THR A 75 1.54 -25.31 29.59
N SER A 76 1.09 -26.31 28.83
CA SER A 76 1.97 -26.97 27.86
C SER A 76 2.35 -26.04 26.71
N LYS A 77 1.60 -24.96 26.50
CA LYS A 77 1.92 -23.97 25.48
C LYS A 77 2.48 -22.69 26.07
N LYS A 78 2.65 -22.63 27.40
CA LYS A 78 3.21 -21.46 28.07
C LYS A 78 2.39 -20.19 27.80
N GLN A 79 1.05 -20.32 27.81
CA GLN A 79 0.20 -19.19 27.47
C GLN A 79 -1.01 -19.11 28.40
N PHE A 80 -1.56 -17.90 28.48
CA PHE A 80 -2.89 -17.72 29.02
C PHE A 80 -3.58 -16.70 28.14
N SER A 81 -4.91 -16.68 28.21
CA SER A 81 -5.72 -16.00 27.20
C SER A 81 -6.92 -15.27 27.80
N LEU A 82 -7.37 -14.27 27.07
CA LEU A 82 -8.56 -13.52 27.38
C LEU A 82 -9.52 -13.61 26.20
N ARG A 83 -10.80 -13.83 26.50
CA ARG A 83 -11.90 -13.79 25.54
C ARG A 83 -12.89 -12.74 26.04
N LEU A 84 -13.17 -11.75 25.19
CA LEU A 84 -14.18 -10.74 25.47
C LEU A 84 -15.23 -10.84 24.38
N SER A 85 -16.41 -11.35 24.71
CA SER A 85 -17.44 -11.53 23.69
C SER A 85 -18.30 -10.27 23.57
N SER A 86 -19.02 -10.18 22.45
CA SER A 86 -20.01 -9.13 22.20
C SER A 86 -19.42 -7.74 22.37
N VAL A 87 -18.26 -7.52 21.72
CA VAL A 87 -17.54 -6.27 21.94
C VAL A 87 -18.37 -5.13 21.36
N ALA A 88 -18.19 -3.95 21.92
CA ALA A 88 -18.83 -2.71 21.52
C ALA A 88 -17.75 -1.64 21.41
N ALA A 89 -18.13 -0.45 20.94
CA ALA A 89 -17.20 0.66 20.78
C ALA A 89 -16.51 1.00 22.09
N ALA A 90 -17.19 0.81 23.22
CA ALA A 90 -16.61 1.15 24.53
C ALA A 90 -15.51 0.18 24.97
N ASP A 91 -15.39 -0.99 24.33
CA ASP A 91 -14.26 -1.85 24.63
C ASP A 91 -12.97 -1.44 23.93
N THR A 92 -12.98 -0.42 23.08
CA THR A 92 -11.75 0.13 22.52
C THR A 92 -10.81 0.55 23.64
N ALA A 93 -9.57 0.05 23.61
CA ALA A 93 -8.66 0.21 24.74
C ALA A 93 -7.32 -0.43 24.38
N VAL A 94 -6.31 -0.08 25.13
CA VAL A 94 -5.08 -0.87 25.16
C VAL A 94 -5.27 -1.94 26.22
N TYR A 95 -4.99 -3.20 25.85
CA TYR A 95 -5.13 -4.39 26.69
C TYR A 95 -3.73 -4.89 27.04
N TYR A 96 -3.50 -5.18 28.32
CA TYR A 96 -2.24 -5.70 28.82
C TYR A 96 -2.44 -7.04 29.53
N CYS A 97 -1.52 -7.98 29.35
CA CYS A 97 -1.38 -9.10 30.28
C CYS A 97 -0.34 -8.73 31.33
N ALA A 98 -0.47 -9.35 32.50
CA ALA A 98 0.42 -9.11 33.62
C ALA A 98 0.48 -10.32 34.54
N ARG A 99 1.55 -10.36 35.33
CA ARG A 99 1.81 -11.38 36.34
C ARG A 99 1.60 -10.71 37.69
N HIS A 100 0.67 -11.26 38.46
CA HIS A 100 0.36 -10.82 39.82
C HIS A 100 1.07 -11.82 40.75
N SER A 101 2.14 -11.38 41.42
CA SER A 101 2.90 -12.29 42.28
C SER A 101 2.12 -12.52 43.58
N SER A 102 2.38 -13.66 44.21
CA SER A 102 1.67 -14.06 45.41
C SER A 102 2.60 -14.37 46.58
N GLY A 103 2.09 -14.12 47.78
CA GLY A 103 2.63 -14.70 48.98
C GLY A 103 1.88 -15.96 49.32
N TYR A 104 2.06 -16.44 50.54
CA TYR A 104 1.32 -17.64 50.94
C TYR A 104 -0.17 -17.37 51.21
N PHE A 105 -0.51 -16.24 51.81
CA PHE A 105 -1.90 -15.94 52.15
C PHE A 105 -2.40 -14.59 51.64
N THR A 106 -1.52 -13.74 51.15
CA THR A 106 -1.86 -12.46 50.58
C THR A 106 -1.09 -12.31 49.27
N LEU A 107 -1.52 -11.35 48.45
CA LEU A 107 -0.91 -11.14 47.15
C LEU A 107 0.07 -9.98 47.18
N TYR A 108 1.03 -10.01 46.26
CA TYR A 108 1.89 -8.87 46.03
C TYR A 108 1.22 -8.07 44.91
N ALA A 109 1.92 -7.69 43.85
CA ALA A 109 1.32 -6.79 42.86
C ALA A 109 1.72 -7.21 41.45
N LEU A 110 1.40 -6.34 40.49
CA LEU A 110 1.68 -6.58 39.07
C LEU A 110 3.10 -6.15 38.71
N ASP A 111 4.03 -7.11 38.85
CA ASP A 111 5.44 -6.77 38.73
C ASP A 111 5.97 -6.98 37.33
N SER A 112 5.24 -7.70 36.47
CA SER A 112 5.65 -7.97 35.09
C SER A 112 4.44 -7.81 34.17
N TRP A 113 4.67 -7.17 33.03
CA TRP A 113 3.60 -6.76 32.13
C TRP A 113 4.03 -7.06 30.71
N GLY A 114 3.05 -7.43 29.90
CA GLY A 114 3.21 -7.44 28.47
C GLY A 114 3.28 -6.01 27.95
N GLN A 115 3.55 -5.88 26.65
CA GLN A 115 3.86 -4.57 26.09
C GLN A 115 2.61 -3.79 25.76
N GLY A 116 1.47 -4.46 25.70
CA GLY A 116 0.19 -3.87 25.38
C GLY A 116 -0.17 -4.10 23.93
N VAL A 117 -1.45 -4.32 23.66
CA VAL A 117 -2.01 -4.43 22.32
C VAL A 117 -3.11 -3.38 22.22
N VAL A 118 -3.03 -2.54 21.20
CA VAL A 118 -4.04 -1.53 20.95
C VAL A 118 -5.19 -2.21 20.20
N VAL A 119 -6.37 -2.21 20.81
CA VAL A 119 -7.56 -2.84 20.24
C VAL A 119 -8.63 -1.79 19.95
N THR A 120 -9.08 -1.73 18.70
CA THR A 120 -10.11 -0.79 18.28
C THR A 120 -11.33 -1.61 17.88
N VAL A 121 -12.50 -1.19 18.32
CA VAL A 121 -13.76 -1.83 17.97
C VAL A 121 -14.50 -0.91 17.01
N SER A 122 -14.69 -1.37 15.77
CA SER A 122 -15.17 -0.51 14.71
C SER A 122 -15.53 -1.37 13.51
N SER A 123 -16.46 -0.87 12.72
CA SER A 123 -16.85 -1.50 11.46
C SER A 123 -16.02 -1.02 10.28
N ALA A 124 -15.19 -0.01 10.46
CA ALA A 124 -14.31 0.45 9.41
C ALA A 124 -13.23 -0.60 9.12
N SER A 125 -12.67 -0.52 7.93
CA SER A 125 -11.69 -1.49 7.46
C SER A 125 -10.28 -1.00 7.76
N THR A 126 -9.37 -1.96 7.84
CA THR A 126 -7.97 -1.64 8.05
C THR A 126 -7.42 -0.97 6.79
N LYS A 127 -6.57 0.04 6.98
CA LYS A 127 -5.94 0.73 5.86
C LYS A 127 -4.51 1.09 6.20
N GLY A 128 -3.59 0.70 5.34
CA GLY A 128 -2.19 1.05 5.56
C GLY A 128 -1.95 2.51 5.24
N PRO A 129 -0.86 3.08 5.76
CA PRO A 129 -0.58 4.52 5.57
C PRO A 129 0.02 4.83 4.19
N SER A 130 -0.15 6.06 3.77
CA SER A 130 0.68 6.64 2.70
C SER A 130 1.75 7.45 3.40
N VAL A 131 3.02 7.26 3.03
CA VAL A 131 4.15 7.96 3.66
C VAL A 131 4.66 9.01 2.71
N PHE A 132 4.67 10.27 3.15
CA PHE A 132 5.13 11.39 2.34
C PHE A 132 6.32 12.07 2.99
N PRO A 133 7.27 12.55 2.20
CA PRO A 133 8.44 13.18 2.81
C PRO A 133 8.17 14.62 3.28
N LEU A 134 8.82 14.98 4.36
CA LEU A 134 8.93 16.39 4.82
C LEU A 134 10.38 16.78 4.56
N ALA A 135 10.64 17.33 3.38
CA ALA A 135 12.00 17.46 2.92
C ALA A 135 12.68 18.61 3.67
N PRO A 136 13.95 18.47 3.97
CA PRO A 136 14.71 19.63 4.49
C PRO A 136 14.89 20.70 3.43
N SER A 137 14.88 21.95 3.87
CA SER A 137 15.08 23.10 3.00
C SER A 137 15.68 24.23 3.82
N SER A 138 15.85 25.40 3.18
CA SER A 138 16.29 26.59 3.92
C SER A 138 15.25 27.01 4.98
N LYS A 139 13.96 26.75 4.75
CA LYS A 139 12.90 27.11 5.68
C LYS A 139 12.71 26.09 6.78
N SER A 140 13.55 25.06 6.82
CA SER A 140 13.59 24.11 7.91
C SER A 140 14.97 24.09 8.57
N THR A 141 15.77 25.13 8.35
CA THR A 141 17.14 25.16 8.84
C THR A 141 17.29 26.32 9.82
N SER A 142 17.95 26.04 10.94
CA SER A 142 18.28 27.04 11.95
C SER A 142 19.73 26.81 12.36
N GLY A 143 20.56 27.83 12.24
CA GLY A 143 21.96 27.60 12.50
C GLY A 143 22.47 26.48 11.60
N GLY A 144 23.32 25.63 12.19
CA GLY A 144 23.78 24.46 11.48
C GLY A 144 22.89 23.25 11.67
N THR A 145 21.58 23.49 11.79
CA THR A 145 20.60 22.45 12.08
C THR A 145 19.51 22.43 11.02
N ALA A 146 19.20 21.26 10.49
CA ALA A 146 18.11 21.10 9.54
C ALA A 146 17.08 20.13 10.10
N ALA A 147 15.79 20.46 9.95
CA ALA A 147 14.75 19.51 10.29
C ALA A 147 14.17 18.85 9.04
N LEU A 148 13.84 17.57 9.14
CA LEU A 148 13.25 16.82 8.04
C LEU A 148 12.35 15.80 8.70
N GLY A 149 11.55 15.10 7.90
CA GLY A 149 10.62 14.16 8.50
C GLY A 149 9.81 13.38 7.48
N CYS A 150 8.82 12.68 8.00
CA CYS A 150 7.87 11.86 7.25
C CYS A 150 6.47 12.13 7.78
N LEU A 151 5.54 12.33 6.85
CA LEU A 151 4.11 12.45 7.13
C LEU A 151 3.49 11.07 6.84
N VAL A 152 2.92 10.47 7.86
CA VAL A 152 2.31 9.16 7.76
C VAL A 152 0.82 9.37 7.81
N LYS A 153 0.14 9.19 6.70
CA LYS A 153 -1.22 9.70 6.59
C LYS A 153 -2.19 8.61 6.17
N ASP A 154 -3.45 8.79 6.60
CA ASP A 154 -4.60 8.04 6.14
C ASP A 154 -4.48 6.54 6.43
N TYR A 155 -4.25 6.21 7.69
CA TYR A 155 -4.21 4.81 8.09
C TYR A 155 -5.27 4.54 9.17
N PHE A 156 -5.54 3.24 9.38
CA PHE A 156 -6.52 2.78 10.35
C PHE A 156 -6.33 1.29 10.64
N PRO A 157 -6.37 0.85 11.90
CA PRO A 157 -6.50 1.61 13.15
C PRO A 157 -5.13 1.99 13.68
N GLU A 158 -5.07 2.49 14.90
CA GLU A 158 -3.78 2.65 15.58
C GLU A 158 -3.17 1.29 15.95
N PRO A 159 -1.85 1.23 16.17
CA PRO A 159 -0.90 2.33 16.07
C PRO A 159 0.02 2.16 14.83
N VAL A 160 0.86 3.15 14.54
CA VAL A 160 2.05 2.98 13.71
C VAL A 160 3.25 3.30 14.60
N THR A 161 4.39 2.74 14.24
CA THR A 161 5.65 3.13 14.84
C THR A 161 6.58 3.59 13.73
N VAL A 162 7.50 4.49 14.09
CA VAL A 162 8.43 5.08 13.15
C VAL A 162 9.81 5.00 13.77
N SER A 163 10.81 4.60 13.00
CA SER A 163 12.22 4.70 13.40
C SER A 163 12.94 5.42 12.28
N TRP A 164 14.16 5.89 12.52
CA TRP A 164 14.98 6.52 11.49
C TRP A 164 16.27 5.73 11.30
N ASN A 165 16.59 5.44 10.03
CA ASN A 165 17.78 4.66 9.68
C ASN A 165 17.86 3.37 10.49
N SER A 166 16.73 2.65 10.54
CA SER A 166 16.62 1.35 11.20
C SER A 166 16.91 1.41 12.70
N GLY A 167 16.74 2.58 13.32
CA GLY A 167 17.02 2.73 14.74
C GLY A 167 18.40 3.25 15.06
N ALA A 168 19.24 3.51 14.04
CA ALA A 168 20.56 4.09 14.30
C ALA A 168 20.50 5.58 14.57
N LEU A 169 19.40 6.24 14.21
CA LEU A 169 19.22 7.68 14.43
C LEU A 169 18.10 7.87 15.46
N THR A 170 18.46 8.24 16.65
CA THR A 170 17.49 8.47 17.71
C THR A 170 17.57 9.85 18.30
N SER A 171 18.78 10.43 18.35
CA SER A 171 18.94 11.80 18.84
C SER A 171 18.20 12.80 17.94
N GLY A 172 17.39 13.63 18.57
CA GLY A 172 16.68 14.68 17.85
C GLY A 172 15.40 14.23 17.19
N VAL A 173 14.96 13.01 17.42
CA VAL A 173 13.77 12.46 16.76
C VAL A 173 12.54 12.84 17.58
N HIS A 174 11.50 13.33 16.91
CA HIS A 174 10.20 13.59 17.54
C HIS A 174 9.12 12.93 16.70
N THR A 175 8.47 11.92 17.27
CA THR A 175 7.34 11.29 16.62
C THR A 175 6.09 11.70 17.39
N PHE A 176 5.19 12.36 16.72
CA PHE A 176 4.04 13.04 17.33
C PHE A 176 2.88 12.06 17.48
N PRO A 177 2.03 12.24 18.50
CA PRO A 177 0.80 11.43 18.57
C PRO A 177 -0.04 11.63 17.32
N ALA A 178 -0.76 10.59 16.94
CA ALA A 178 -1.62 10.66 15.78
C ALA A 178 -2.84 11.52 16.07
N VAL A 179 -3.35 12.16 15.03
CA VAL A 179 -4.64 12.83 15.11
C VAL A 179 -5.64 12.07 14.26
N LEU A 180 -6.91 12.06 14.69
CA LEU A 180 -7.99 11.45 13.93
C LEU A 180 -8.61 12.50 13.01
N GLN A 181 -8.50 12.29 11.70
CA GLN A 181 -9.01 13.24 10.75
C GLN A 181 -10.51 13.07 10.59
N SER A 182 -11.15 14.04 9.91
CA SER A 182 -12.59 13.98 9.70
C SER A 182 -12.99 12.82 8.79
N SER A 183 -12.06 12.28 7.99
CA SER A 183 -12.31 11.10 7.19
C SER A 183 -12.40 9.80 8.01
N GLY A 184 -12.12 9.84 9.32
CA GLY A 184 -12.05 8.62 10.11
C GLY A 184 -10.70 7.93 10.08
N LEU A 185 -9.72 8.47 9.38
CA LEU A 185 -8.38 7.90 9.33
C LEU A 185 -7.43 8.73 10.18
N TYR A 186 -6.36 8.11 10.63
CA TYR A 186 -5.32 8.75 11.42
C TYR A 186 -4.20 9.30 10.56
N SER A 187 -3.48 10.25 11.13
CA SER A 187 -2.31 10.85 10.51
C SER A 187 -1.36 11.29 11.61
N LEU A 188 -0.08 10.95 11.45
CA LEU A 188 0.97 11.49 12.31
C LEU A 188 2.17 11.91 11.49
N SER A 189 3.03 12.72 12.14
CA SER A 189 4.32 13.09 11.59
C SER A 189 5.44 12.68 12.54
N SER A 190 6.60 12.41 11.96
CA SER A 190 7.84 12.14 12.66
C SER A 190 8.87 13.04 12.04
N VAL A 191 9.58 13.78 12.88
CA VAL A 191 10.60 14.72 12.44
C VAL A 191 11.91 14.40 13.15
N VAL A 192 13.01 14.80 12.53
CA VAL A 192 14.32 14.71 13.16
C VAL A 192 15.10 15.96 12.75
N THR A 193 15.92 16.49 13.68
CA THR A 193 16.87 17.56 13.39
C THR A 193 18.28 16.99 13.30
N VAL A 194 19.01 17.39 12.27
CA VAL A 194 20.33 16.85 11.94
C VAL A 194 21.23 18.01 11.54
N PRO A 195 22.54 17.78 11.53
CA PRO A 195 23.44 18.82 11.04
C PRO A 195 23.15 19.15 9.58
N SER A 196 22.98 20.45 9.31
CA SER A 196 22.76 20.88 7.93
C SER A 196 23.88 20.44 6.99
N SER A 197 25.12 20.31 7.50
CA SER A 197 26.27 19.91 6.70
C SER A 197 26.24 18.44 6.31
N SER A 198 25.26 17.68 6.76
CA SER A 198 25.16 16.27 6.45
C SER A 198 24.18 15.95 5.35
N LEU A 199 23.41 16.95 4.87
CA LEU A 199 22.37 16.66 3.88
C LEU A 199 22.94 16.14 2.58
N GLY A 200 24.17 16.50 2.25
CA GLY A 200 24.74 16.03 1.00
C GLY A 200 25.47 14.68 1.04
N THR A 201 25.67 14.16 2.24
CA THR A 201 26.48 12.97 2.43
C THR A 201 25.69 11.86 3.09
N GLN A 202 24.92 12.19 4.12
CA GLN A 202 24.19 11.19 4.91
C GLN A 202 22.79 10.95 4.35
N THR A 203 22.42 9.66 4.29
CA THR A 203 21.08 9.24 3.88
C THR A 203 20.16 9.19 5.09
N TYR A 204 18.93 9.68 4.92
CA TYR A 204 17.94 9.68 5.99
C TYR A 204 16.69 8.95 5.51
N ILE A 205 16.29 7.92 6.24
CA ILE A 205 15.23 7.00 5.85
C ILE A 205 14.36 6.78 7.06
N CYS A 206 13.07 7.04 6.94
CA CYS A 206 12.10 6.71 7.98
C CYS A 206 11.48 5.35 7.70
N ASN A 207 11.45 4.52 8.72
CA ASN A 207 10.92 3.16 8.65
C ASN A 207 9.57 3.19 9.36
N VAL A 208 8.50 2.94 8.62
CA VAL A 208 7.14 3.05 9.14
C VAL A 208 6.59 1.65 9.25
N ASN A 209 6.07 1.31 10.42
CA ASN A 209 5.54 -0.01 10.69
C ASN A 209 4.09 0.14 11.14
N HIS A 210 3.18 -0.53 10.43
CA HIS A 210 1.75 -0.56 10.73
C HIS A 210 1.33 -2.03 10.78
N LYS A 211 1.32 -2.58 11.99
CA LYS A 211 1.13 -4.02 12.15
C LYS A 211 -0.28 -4.46 11.82
N PRO A 212 -1.32 -3.68 12.14
CA PRO A 212 -2.67 -4.11 11.76
C PRO A 212 -2.83 -4.38 10.27
N SER A 213 -2.05 -3.72 9.41
CA SER A 213 -2.07 -4.04 7.98
C SER A 213 -0.87 -4.87 7.52
N ASN A 214 -0.01 -5.28 8.45
CA ASN A 214 1.25 -5.95 8.12
C ASN A 214 2.09 -5.11 7.18
N THR A 215 2.01 -3.80 7.32
CA THR A 215 2.74 -2.88 6.46
C THR A 215 4.07 -2.49 7.09
N LYS A 216 5.14 -2.61 6.32
CA LYS A 216 6.45 -2.02 6.62
C LYS A 216 6.87 -1.26 5.37
N VAL A 217 7.20 0.02 5.53
CA VAL A 217 7.59 0.84 4.40
C VAL A 217 8.76 1.72 4.81
N ASP A 218 9.80 1.75 3.98
CA ASP A 218 10.95 2.63 4.13
C ASP A 218 10.84 3.78 3.14
N LYS A 219 10.97 5.00 3.62
CA LYS A 219 10.86 6.19 2.78
C LYS A 219 12.15 7.00 2.90
N ARG A 220 12.83 7.19 1.77
CA ARG A 220 13.95 8.11 1.73
C ARG A 220 13.47 9.56 1.73
N VAL A 221 14.13 10.40 2.53
CA VAL A 221 13.76 11.80 2.69
C VAL A 221 14.96 12.63 2.23
N GLU A 222 14.76 13.40 1.16
CA GLU A 222 15.82 14.15 0.48
C GLU A 222 15.38 15.59 0.27
N PRO A 223 16.33 16.51 0.09
CA PRO A 223 15.95 17.86 -0.35
C PRO A 223 15.25 17.77 -1.70
N LYS A 224 14.38 18.74 -1.97
CA LYS A 224 13.67 18.75 -3.26
C LYS A 224 14.60 19.15 -4.41
N SER A 225 14.05 19.08 -5.63
CA SER A 225 14.77 19.49 -6.82
C SER A 225 14.29 20.82 -7.39
N CYS A 226 13.22 21.39 -6.84
CA CYS A 226 12.62 22.63 -7.36
C CYS A 226 12.76 22.79 -8.88
N ASP B 1 -17.53 -2.20 46.53
CA ASP B 1 -16.32 -2.69 47.25
C ASP B 1 -15.40 -1.51 47.61
N ILE B 2 -14.41 -1.22 46.76
CA ILE B 2 -13.37 -0.24 47.08
C ILE B 2 -13.38 0.86 46.02
N GLN B 3 -13.51 2.11 46.47
CA GLN B 3 -13.29 3.28 45.63
C GLN B 3 -11.95 3.92 45.98
N MET B 4 -11.14 4.21 44.95
CA MET B 4 -9.80 4.79 45.12
C MET B 4 -9.80 6.16 44.49
N THR B 5 -9.27 7.16 45.22
CA THR B 5 -9.09 8.52 44.75
C THR B 5 -7.62 8.92 44.93
N GLN B 6 -7.16 9.86 44.09
CA GLN B 6 -5.80 10.34 44.15
C GLN B 6 -5.84 11.86 44.11
N SER B 7 -4.83 12.47 44.74
CA SER B 7 -4.76 13.92 44.81
C SER B 7 -3.29 14.31 44.87
N PRO B 8 -2.87 15.35 44.13
CA PRO B 8 -3.63 16.15 43.15
C PRO B 8 -3.88 15.34 41.86
N SER B 9 -4.76 15.79 40.95
CA SER B 9 -4.89 15.06 39.69
C SER B 9 -3.72 15.34 38.74
N SER B 10 -3.07 16.49 38.89
CA SER B 10 -1.87 16.77 38.13
C SER B 10 -1.08 17.81 38.90
N LEU B 11 0.22 17.79 38.69
CA LEU B 11 1.10 18.79 39.25
C LEU B 11 2.37 18.87 38.40
N SER B 12 3.12 19.95 38.57
CA SER B 12 4.48 20.12 38.05
C SER B 12 5.40 20.28 39.25
N ALA B 13 6.64 19.81 39.11
CA ALA B 13 7.67 19.99 40.13
C ALA B 13 9.02 20.14 39.42
N SER B 14 10.00 20.63 40.18
CA SER B 14 11.31 20.94 39.63
C SER B 14 12.29 19.81 39.93
N VAL B 15 13.30 19.67 39.07
CA VAL B 15 14.38 18.74 39.31
C VAL B 15 15.05 19.02 40.63
N GLY B 16 15.28 17.99 41.41
CA GLY B 16 15.78 18.17 42.75
C GLY B 16 14.71 18.21 43.82
N ASP B 17 13.44 18.39 43.46
CA ASP B 17 12.41 18.47 44.49
C ASP B 17 12.14 17.11 45.18
N ARG B 18 11.48 17.22 46.30
CA ARG B 18 10.93 16.05 46.96
C ARG B 18 9.42 16.21 46.95
N VAL B 19 8.75 15.37 46.16
CA VAL B 19 7.35 15.55 45.83
C VAL B 19 6.58 14.41 46.43
N THR B 20 5.39 14.72 46.98
CA THR B 20 4.48 13.74 47.56
C THR B 20 3.13 13.78 46.87
N ILE B 21 2.63 12.62 46.42
CA ILE B 21 1.24 12.55 45.97
C ILE B 21 0.50 11.55 46.85
N THR B 22 -0.83 11.67 46.89
CA THR B 22 -1.64 10.93 47.84
C THR B 22 -2.66 10.04 47.12
N CYS B 23 -3.14 9.01 47.86
CA CYS B 23 -4.15 8.06 47.43
C CYS B 23 -5.02 7.83 48.66
N ARG B 24 -6.32 7.69 48.46
CA ARG B 24 -7.19 7.30 49.57
C ARG B 24 -8.16 6.22 49.11
N ALA B 25 -8.35 5.20 49.97
CA ALA B 25 -9.31 4.14 49.73
C ALA B 25 -10.58 4.46 50.51
N SER B 26 -11.72 4.08 49.95
CA SER B 26 -13.00 4.33 50.62
C SER B 26 -13.23 3.37 51.78
N GLN B 27 -12.40 2.34 51.93
CA GLN B 27 -12.48 1.39 53.03
C GLN B 27 -11.07 1.04 53.45
N ASP B 28 -10.94 0.55 54.67
CA ASP B 28 -9.67 0.06 55.19
C ASP B 28 -9.13 -1.05 54.32
N ILE B 29 -7.98 -0.82 53.70
CA ILE B 29 -7.31 -1.85 52.91
C ILE B 29 -5.99 -2.26 53.55
N SER B 30 -5.83 -2.06 54.86
CA SER B 30 -4.60 -2.39 55.58
C SER B 30 -3.40 -1.76 54.85
N TYR B 31 -2.35 -2.52 54.54
CA TYR B 31 -1.21 -1.97 53.80
C TYR B 31 -1.14 -2.49 52.38
N TYR B 32 -2.23 -3.01 51.84
CA TYR B 32 -2.21 -3.68 50.54
C TYR B 32 -2.41 -2.67 49.41
N LEU B 33 -1.50 -1.71 49.38
CA LEU B 33 -1.49 -0.63 48.41
C LEU B 33 -0.20 -0.64 47.59
N ALA B 34 -0.35 -0.59 46.27
CA ALA B 34 0.73 -0.58 45.30
C ALA B 34 0.69 0.72 44.52
N TRP B 35 1.86 1.12 44.01
CA TRP B 35 2.08 2.32 43.22
C TRP B 35 2.81 1.89 41.95
N TYR B 36 2.33 2.40 40.81
CA TYR B 36 2.88 2.19 39.48
C TYR B 36 3.20 3.53 38.83
N GLN B 37 4.26 3.54 38.04
CA GLN B 37 4.59 4.59 37.09
C GLN B 37 4.22 4.19 35.67
N GLN B 38 3.51 5.07 34.95
CA GLN B 38 3.21 4.79 33.55
C GLN B 38 3.72 5.89 32.65
N LYS B 39 4.69 5.55 31.82
CA LYS B 39 5.18 6.44 30.78
C LYS B 39 4.22 6.45 29.60
N PRO B 40 4.14 7.55 28.87
CA PRO B 40 3.27 7.59 27.70
C PRO B 40 3.62 6.51 26.70
N GLY B 41 2.61 5.76 26.27
CA GLY B 41 2.81 4.67 25.33
C GLY B 41 3.45 3.40 25.86
N LYS B 42 3.49 3.19 27.19
CA LYS B 42 4.17 2.02 27.75
C LYS B 42 3.31 1.35 28.78
N ALA B 43 3.58 0.07 29.04
CA ALA B 43 2.99 -0.60 30.19
C ALA B 43 3.46 0.04 31.49
N PRO B 44 2.61 0.10 32.52
CA PRO B 44 3.06 0.58 33.84
C PRO B 44 4.20 -0.25 34.42
N ASN B 45 4.96 0.37 35.31
CA ASN B 45 6.04 -0.26 36.04
C ASN B 45 5.71 -0.19 37.52
N LEU B 46 5.82 -1.32 38.22
CA LEU B 46 5.58 -1.34 39.65
C LEU B 46 6.72 -0.64 40.38
N LEU B 47 6.36 0.27 41.26
CA LEU B 47 7.31 0.97 42.13
C LEU B 47 7.33 0.44 43.55
N ILE B 48 6.15 0.26 44.14
CA ILE B 48 5.96 -0.01 45.54
C ILE B 48 4.78 -0.95 45.68
N TYR B 49 4.87 -1.88 46.62
CA TYR B 49 3.75 -2.71 47.04
C TYR B 49 3.81 -2.88 48.55
N GLN B 50 2.72 -3.36 49.12
CA GLN B 50 2.53 -3.39 50.56
C GLN B 50 2.75 -2.02 51.18
N ALA B 51 2.35 -0.99 50.45
CA ALA B 51 2.36 0.41 50.87
C ALA B 51 3.75 1.06 50.96
N SER B 52 4.77 0.28 51.44
CA SER B 52 6.12 0.80 51.62
C SER B 52 7.24 -0.09 51.12
N THR B 53 6.97 -1.23 50.50
CA THR B 53 8.05 -2.11 50.06
C THR B 53 8.48 -1.67 48.66
N LEU B 54 9.74 -1.29 48.52
CA LEU B 54 10.33 -0.89 47.25
C LEU B 54 10.62 -2.12 46.39
N GLN B 55 10.12 -2.12 45.15
CA GLN B 55 10.32 -3.24 44.26
C GLN B 55 11.78 -3.28 43.82
N GLY B 56 12.30 -4.48 43.66
CA GLY B 56 13.66 -4.65 43.15
C GLY B 56 13.84 -3.99 41.79
N GLY B 57 14.99 -3.30 41.63
CA GLY B 57 15.31 -2.57 40.41
C GLY B 57 14.82 -1.12 40.35
N VAL B 58 13.96 -0.70 41.25
CA VAL B 58 13.41 0.66 41.26
C VAL B 58 14.41 1.59 41.96
N PRO B 59 14.59 2.83 41.48
CA PRO B 59 15.56 3.72 42.16
C PRO B 59 15.19 4.01 43.62
N SER B 60 16.25 4.21 44.41
CA SER B 60 16.07 4.45 45.83
C SER B 60 15.27 5.71 46.17
N ARG B 61 15.06 6.63 45.22
CA ARG B 61 14.35 7.87 45.53
C ARG B 61 12.84 7.73 45.62
N PHE B 62 12.27 6.59 45.25
CA PHE B 62 10.85 6.32 45.40
C PHE B 62 10.58 5.70 46.76
N SER B 63 9.57 6.21 47.46
CA SER B 63 9.19 5.57 48.71
C SER B 63 7.69 5.76 48.93
N GLY B 64 7.11 4.91 49.77
CA GLY B 64 5.68 4.99 50.03
C GLY B 64 5.45 4.83 51.50
N SER B 65 4.32 5.36 51.97
CA SER B 65 3.92 5.12 53.36
C SER B 65 2.40 5.12 53.50
N GLY B 66 1.94 4.75 54.66
CA GLY B 66 0.51 4.77 54.93
C GLY B 66 -0.06 3.40 55.20
N SER B 67 -1.19 3.38 55.88
CA SER B 67 -1.88 2.14 56.20
C SER B 67 -3.31 2.50 56.50
N GLY B 68 -4.26 1.64 56.14
CA GLY B 68 -5.66 1.90 56.41
C GLY B 68 -6.32 2.46 55.17
N THR B 69 -6.60 3.78 55.17
CA THR B 69 -7.22 4.45 54.06
C THR B 69 -6.31 5.45 53.36
N ASP B 70 -5.38 6.12 54.03
CA ASP B 70 -4.59 7.19 53.44
C ASP B 70 -3.14 6.76 53.16
N PHE B 71 -2.67 7.00 51.95
CA PHE B 71 -1.35 6.56 51.53
C PHE B 71 -0.67 7.67 50.76
N THR B 72 0.64 7.56 50.67
CA THR B 72 1.41 8.52 49.91
C THR B 72 2.57 7.84 49.17
N LEU B 73 2.90 8.41 48.03
CA LEU B 73 4.11 8.11 47.30
C LEU B 73 4.95 9.37 47.32
N THR B 74 6.23 9.21 47.65
CA THR B 74 7.17 10.33 47.71
C THR B 74 8.31 10.02 46.75
N ILE B 75 8.57 10.96 45.87
CA ILE B 75 9.75 10.91 45.00
C ILE B 75 10.74 11.99 45.44
N SER B 76 11.87 11.57 45.99
CA SER B 76 12.93 12.49 46.38
CA SER B 76 12.93 12.49 46.38
C SER B 76 13.86 12.70 45.19
N SER B 77 14.71 13.69 45.31
CA SER B 77 15.64 14.04 44.25
C SER B 77 15.01 13.85 42.86
N LEU B 78 13.96 14.62 42.60
CA LEU B 78 13.19 14.37 41.38
C LEU B 78 14.07 14.54 40.13
N GLN B 79 13.97 13.60 39.19
CA GLN B 79 14.80 13.56 38.01
C GLN B 79 13.95 13.91 36.80
N PRO B 80 14.57 14.42 35.73
CA PRO B 80 13.74 14.84 34.58
C PRO B 80 13.02 13.69 33.95
N GLU B 81 13.58 12.48 34.02
CA GLU B 81 12.87 11.32 33.47
C GLU B 81 11.74 10.83 34.36
N ASP B 82 11.41 11.50 35.45
CA ASP B 82 10.35 11.02 36.33
C ASP B 82 8.97 11.57 35.93
N PHE B 83 8.86 12.34 34.85
CA PHE B 83 7.52 12.67 34.40
C PHE B 83 6.78 11.38 34.03
N ALA B 84 5.50 11.32 34.35
CA ALA B 84 4.70 10.11 34.17
C ALA B 84 3.32 10.37 34.74
N THR B 85 2.42 9.41 34.49
CA THR B 85 1.21 9.23 35.31
C THR B 85 1.45 8.14 36.36
N TYR B 86 1.14 8.48 37.61
CA TYR B 86 1.34 7.56 38.73
C TYR B 86 -0.03 7.07 39.20
N TYR B 87 -0.16 5.76 39.39
CA TYR B 87 -1.41 5.12 39.76
C TYR B 87 -1.16 4.36 41.07
N CYS B 88 -2.11 4.49 42.01
CA CYS B 88 -2.21 3.58 43.13
C CYS B 88 -3.15 2.41 42.82
N GLN B 89 -3.00 1.33 43.58
CA GLN B 89 -3.84 0.16 43.36
C GLN B 89 -3.99 -0.63 44.64
N TYR B 90 -5.23 -1.04 44.95
CA TYR B 90 -5.48 -2.07 45.95
C TYR B 90 -5.10 -3.43 45.36
N HIS B 91 -4.13 -4.11 45.96
CA HIS B 91 -3.53 -5.25 45.27
C HIS B 91 -3.78 -6.57 45.95
N ASN B 92 -4.73 -6.67 46.91
CA ASN B 92 -4.94 -7.94 47.59
C ASN B 92 -6.29 -8.65 47.37
N SER B 93 -7.29 -7.99 46.79
CA SER B 93 -8.54 -8.69 46.50
C SER B 93 -9.26 -8.00 45.34
N ASP B 94 -10.24 -8.71 44.76
CA ASP B 94 -10.92 -8.15 43.60
C ASP B 94 -11.84 -7.00 44.04
N PRO B 95 -12.05 -5.98 43.18
CA PRO B 95 -11.60 -5.87 41.78
C PRO B 95 -10.26 -5.13 41.64
N PHE B 96 -9.38 -5.20 42.64
CA PHE B 96 -8.01 -4.71 42.51
C PHE B 96 -7.99 -3.30 41.94
N THR B 97 -8.79 -2.44 42.52
CA THR B 97 -9.10 -1.14 41.94
C THR B 97 -7.88 -0.25 41.87
N PHE B 98 -7.65 0.36 40.70
CA PHE B 98 -6.66 1.41 40.47
C PHE B 98 -7.28 2.77 40.76
N GLY B 99 -6.51 3.67 41.33
CA GLY B 99 -6.94 5.05 41.39
C GLY B 99 -7.01 5.68 40.00
N PRO B 100 -7.50 6.92 39.93
CA PRO B 100 -7.63 7.59 38.63
C PRO B 100 -6.31 8.06 38.01
N GLY B 101 -5.19 8.00 38.75
CA GLY B 101 -3.91 8.48 38.26
C GLY B 101 -3.63 9.94 38.62
N THR B 102 -2.35 10.25 38.77
CA THR B 102 -1.85 11.60 39.00
C THR B 102 -0.79 11.87 37.94
N LYS B 103 -0.97 12.93 37.15
CA LYS B 103 -0.03 13.24 36.09
C LYS B 103 1.02 14.21 36.62
N LEU B 104 2.29 13.79 36.58
CA LEU B 104 3.41 14.62 37.02
C LEU B 104 4.21 15.12 35.83
N ASP B 105 4.35 16.45 35.71
CA ASP B 105 5.14 17.15 34.72
C ASP B 105 6.37 17.75 35.38
N ILE B 106 7.43 17.91 34.61
CA ILE B 106 8.65 18.49 35.14
C ILE B 106 8.66 19.96 34.75
N ARG B 107 8.97 20.82 35.70
CA ARG B 107 9.01 22.26 35.51
C ARG B 107 10.43 22.65 35.12
N ARG B 108 10.56 23.63 34.20
CA ARG B 108 11.88 24.15 33.84
C ARG B 108 11.71 25.62 33.46
N THR B 109 12.82 26.23 33.04
CA THR B 109 12.77 27.63 32.59
C THR B 109 12.08 27.72 31.24
N VAL B 110 11.42 28.86 31.01
CA VAL B 110 10.73 29.10 29.75
C VAL B 110 11.73 29.02 28.60
N ALA B 111 11.35 28.29 27.55
CA ALA B 111 12.16 28.17 26.33
C ALA B 111 11.30 28.38 25.09
N ALA B 112 11.72 29.34 24.25
CA ALA B 112 11.00 29.65 23.03
C ALA B 112 11.17 28.53 22.00
N PRO B 113 10.16 28.31 21.16
CA PRO B 113 10.30 27.29 20.12
C PRO B 113 11.12 27.77 18.93
N SER B 114 11.86 26.83 18.33
CA SER B 114 12.31 26.97 16.95
C SER B 114 11.16 26.56 16.03
N VAL B 115 10.91 27.33 14.97
CA VAL B 115 9.73 27.17 14.13
C VAL B 115 10.18 26.84 12.72
N PHE B 116 9.61 25.77 12.16
CA PHE B 116 9.93 25.32 10.81
C PHE B 116 8.67 25.04 10.02
N ILE B 117 8.66 25.28 8.71
CA ILE B 117 7.46 25.03 7.92
C ILE B 117 7.84 24.13 6.75
N PHE B 118 6.93 23.21 6.40
CA PHE B 118 7.13 22.27 5.33
C PHE B 118 6.02 22.38 4.29
N PRO B 119 6.31 22.78 3.05
CA PRO B 119 5.28 22.71 1.99
C PRO B 119 4.89 21.28 1.70
N PRO B 120 3.74 21.06 1.07
CA PRO B 120 3.37 19.71 0.63
C PRO B 120 4.35 19.16 -0.38
N SER B 121 4.53 17.85 -0.36
CA SER B 121 5.40 17.22 -1.34
C SER B 121 4.67 17.13 -2.67
N ASP B 122 5.45 17.16 -3.75
CA ASP B 122 4.85 16.93 -5.06
C ASP B 122 4.13 15.58 -5.12
N GLU B 123 4.70 14.56 -4.47
CA GLU B 123 4.06 13.25 -4.39
C GLU B 123 2.61 13.35 -3.90
N GLN B 124 2.42 14.02 -2.74
CA GLN B 124 1.08 14.12 -2.16
C GLN B 124 0.16 14.93 -3.05
N LEU B 125 0.69 16.01 -3.62
CA LEU B 125 -0.11 16.80 -4.54
C LEU B 125 -0.67 15.96 -5.68
N LYS B 126 0.12 14.99 -6.18
CA LYS B 126 -0.37 14.15 -7.27
C LYS B 126 -1.64 13.39 -6.88
N SER B 127 -1.86 13.18 -5.59
CA SER B 127 -3.00 12.45 -5.05
C SER B 127 -4.19 13.35 -4.79
N GLY B 128 -4.06 14.67 -4.96
CA GLY B 128 -5.18 15.59 -4.85
C GLY B 128 -5.34 16.28 -3.51
N THR B 129 -4.43 16.07 -2.57
CA THR B 129 -4.48 16.72 -1.27
C THR B 129 -3.16 17.39 -0.98
N ALA B 130 -3.21 18.47 -0.20
CA ALA B 130 -2.03 19.24 0.18
C ALA B 130 -2.00 19.41 1.69
N SER B 131 -0.97 18.89 2.33
CA SER B 131 -0.75 19.03 3.76
C SER B 131 0.45 19.95 3.95
N VAL B 132 0.23 21.04 4.67
CA VAL B 132 1.28 21.98 5.04
C VAL B 132 1.55 21.79 6.52
N VAL B 133 2.82 21.58 6.89
CA VAL B 133 3.17 21.23 8.25
C VAL B 133 4.03 22.35 8.87
N CYS B 134 3.64 22.77 10.06
CA CYS B 134 4.39 23.72 10.87
C CYS B 134 4.89 23.03 12.12
N LEU B 135 6.19 23.11 12.39
CA LEU B 135 6.81 22.41 13.49
C LEU B 135 7.40 23.42 14.49
N LEU B 136 7.04 23.24 15.76
CA LEU B 136 7.56 24.01 16.88
C LEU B 136 8.42 23.06 17.70
N ASN B 137 9.72 23.35 17.81
CA ASN B 137 10.68 22.41 18.37
C ASN B 137 11.24 22.90 19.70
N ASN B 138 11.13 22.04 20.73
CA ASN B 138 11.89 22.15 21.99
C ASN B 138 11.58 23.44 22.75
N PHE B 139 10.33 23.56 23.17
CA PHE B 139 9.86 24.75 23.87
C PHE B 139 9.25 24.34 25.22
N TYR B 140 9.05 25.37 26.07
CA TYR B 140 8.45 25.24 27.39
C TYR B 140 7.94 26.61 27.80
N PRO B 141 6.73 26.72 28.37
CA PRO B 141 5.80 25.66 28.71
C PRO B 141 5.05 25.11 27.48
N ARG B 142 4.16 24.15 27.75
CA ARG B 142 3.45 23.43 26.70
C ARG B 142 2.53 24.34 25.89
N GLU B 143 1.96 25.37 26.53
CA GLU B 143 0.96 26.20 25.88
C GLU B 143 1.56 27.03 24.75
N ALA B 144 1.05 26.82 23.54
CA ALA B 144 1.40 27.62 22.38
C ALA B 144 0.18 27.79 21.50
N LYS B 145 0.17 28.86 20.72
CA LYS B 145 -0.90 29.13 19.77
C LYS B 145 -0.31 29.19 18.36
N VAL B 146 -0.88 28.40 17.46
CA VAL B 146 -0.46 28.37 16.07
C VAL B 146 -1.64 28.82 15.22
N GLN B 147 -1.44 29.86 14.42
CA GLN B 147 -2.45 30.38 13.51
C GLN B 147 -1.91 30.27 12.09
N TRP B 148 -2.71 29.73 11.21
CA TRP B 148 -2.35 29.64 9.80
C TRP B 148 -2.91 30.81 9.03
N LYS B 149 -2.14 31.32 8.08
CA LYS B 149 -2.55 32.40 7.19
C LYS B 149 -2.23 32.01 5.75
N VAL B 150 -3.18 32.22 4.86
CA VAL B 150 -3.01 31.94 3.43
C VAL B 150 -3.32 33.21 2.68
N ASP B 151 -2.30 33.80 2.05
CA ASP B 151 -2.43 35.12 1.44
C ASP B 151 -2.93 36.15 2.45
N ASN B 152 -2.43 36.02 3.70
CA ASN B 152 -2.76 36.89 4.82
C ASN B 152 -4.22 36.77 5.28
N ALA B 153 -4.89 35.68 4.97
CA ALA B 153 -6.24 35.41 5.46
C ALA B 153 -6.17 34.36 6.55
N LEU B 154 -6.62 34.72 7.75
CA LEU B 154 -6.61 33.79 8.87
C LEU B 154 -7.45 32.56 8.55
N GLN B 155 -6.90 31.38 8.81
CA GLN B 155 -7.62 30.14 8.58
C GLN B 155 -8.30 29.67 9.86
N SER B 156 -9.35 28.88 9.68
CA SER B 156 -10.02 28.28 10.82
C SER B 156 -10.74 27.03 10.34
N GLY B 157 -10.64 25.95 11.13
CA GLY B 157 -11.36 24.72 10.87
C GLY B 157 -10.68 23.72 9.96
N ASN B 158 -9.47 23.99 9.49
CA ASN B 158 -8.84 23.13 8.50
C ASN B 158 -7.42 22.73 8.91
N SER B 159 -7.15 22.74 10.22
CA SER B 159 -5.86 22.32 10.73
C SER B 159 -6.05 21.53 12.03
N GLN B 160 -5.10 20.63 12.29
CA GLN B 160 -5.05 19.86 13.53
C GLN B 160 -3.61 19.89 14.05
N GLU B 161 -3.47 19.71 15.36
CA GLU B 161 -2.15 19.76 15.96
C GLU B 161 -1.98 18.65 16.99
N SER B 162 -0.72 18.32 17.22
CA SER B 162 -0.30 17.25 18.11
C SER B 162 0.92 17.72 18.90
N VAL B 163 1.06 17.29 20.16
CA VAL B 163 2.18 17.68 21.00
C VAL B 163 2.86 16.43 21.53
N THR B 164 4.18 16.40 21.52
CA THR B 164 4.90 15.27 22.07
C THR B 164 4.77 15.30 23.60
N GLU B 165 5.16 14.18 24.21
CA GLU B 165 5.48 14.10 25.63
C GLU B 165 6.75 14.92 25.95
N GLN B 166 6.97 15.18 27.24
CA GLN B 166 8.17 15.92 27.63
C GLN B 166 9.41 15.13 27.26
N ASP B 167 10.47 15.85 26.87
CA ASP B 167 11.79 15.25 26.71
C ASP B 167 12.42 14.81 28.05
N SER B 168 12.91 13.59 28.11
CA SER B 168 13.30 12.99 29.38
C SER B 168 14.57 13.56 29.92
N LYS B 169 15.23 14.46 29.19
CA LYS B 169 16.47 15.10 29.63
C LYS B 169 16.32 16.60 29.78
N ASP B 170 15.78 17.30 28.78
CA ASP B 170 15.67 18.75 28.85
C ASP B 170 14.25 19.23 29.11
N SER B 171 13.28 18.32 29.22
CA SER B 171 11.96 18.64 29.72
C SER B 171 11.19 19.58 28.79
N THR B 172 11.59 19.68 27.53
CA THR B 172 10.84 20.50 26.58
C THR B 172 9.76 19.67 25.85
N TYR B 173 8.89 20.37 25.16
CA TYR B 173 7.89 19.82 24.26
C TYR B 173 8.22 20.18 22.82
N SER B 174 7.62 19.44 21.87
CA SER B 174 7.51 19.87 20.49
C SER B 174 6.06 19.76 20.03
N LEU B 175 5.68 20.53 19.01
CA LEU B 175 4.31 20.54 18.53
C LEU B 175 4.34 20.57 17.00
N SER B 176 3.39 19.84 16.40
CA SER B 176 3.20 19.78 14.96
C SER B 176 1.78 20.23 14.65
N SER B 177 1.63 21.18 13.71
CA SER B 177 0.35 21.62 13.20
C SER B 177 0.31 21.38 11.70
N THR B 178 -0.77 20.73 11.26
CA THR B 178 -0.98 20.41 9.86
C THR B 178 -2.20 21.17 9.32
N LEU B 179 -2.00 21.93 8.25
CA LEU B 179 -3.08 22.55 7.50
C LEU B 179 -3.35 21.68 6.28
N THR B 180 -4.62 21.29 6.08
CA THR B 180 -4.98 20.39 5.00
C THR B 180 -5.93 21.06 4.02
N LEU B 181 -5.52 21.11 2.75
CA LEU B 181 -6.31 21.71 1.69
C LEU B 181 -6.38 20.74 0.51
N SER B 182 -7.30 20.99 -0.39
CA SER B 182 -7.32 20.25 -1.64
C SER B 182 -6.21 20.78 -2.55
N LYS B 183 -5.79 19.94 -3.51
CA LYS B 183 -4.76 20.39 -4.44
C LYS B 183 -5.21 21.67 -5.14
N ALA B 184 -6.48 21.73 -5.54
CA ALA B 184 -6.98 22.87 -6.30
C ALA B 184 -6.99 24.12 -5.45
N ASP B 185 -7.41 24.00 -4.17
CA ASP B 185 -7.38 25.17 -3.29
C ASP B 185 -5.95 25.62 -3.04
N TYR B 186 -5.03 24.67 -2.88
CA TYR B 186 -3.64 25.01 -2.59
C TYR B 186 -2.99 25.73 -3.75
N GLU B 187 -3.36 25.38 -4.98
CA GLU B 187 -2.80 26.02 -6.17
C GLU B 187 -3.43 27.36 -6.49
N LYS B 188 -4.45 27.80 -5.75
CA LYS B 188 -5.04 29.11 -5.93
C LYS B 188 -4.33 30.21 -5.15
N HIS B 189 -3.35 29.90 -4.32
CA HIS B 189 -2.79 30.86 -3.40
C HIS B 189 -1.27 30.80 -3.43
N LYS B 190 -0.66 31.91 -2.96
CA LYS B 190 0.78 32.11 -3.03
C LYS B 190 1.49 31.91 -1.69
N VAL B 191 1.17 32.73 -0.69
CA VAL B 191 1.96 32.80 0.53
C VAL B 191 1.29 31.95 1.60
N TYR B 192 2.03 31.00 2.14
CA TYR B 192 1.53 30.14 3.22
C TYR B 192 2.40 30.41 4.42
N ALA B 193 1.75 30.66 5.58
CA ALA B 193 2.45 31.17 6.76
C ALA B 193 1.86 30.56 8.04
N CYS B 194 2.76 30.19 8.95
CA CYS B 194 2.47 29.71 10.28
C CYS B 194 2.86 30.85 11.22
N GLU B 195 1.93 31.26 12.08
CA GLU B 195 2.18 32.31 13.07
C GLU B 195 2.11 31.72 14.48
N VAL B 196 3.13 31.98 15.29
CA VAL B 196 3.30 31.30 16.57
C VAL B 196 3.45 32.33 17.67
N THR B 197 2.63 32.19 18.71
CA THR B 197 2.79 32.98 19.93
C THR B 197 3.06 32.04 21.12
N HIS B 198 3.95 32.47 22.01
CA HIS B 198 4.41 31.60 23.08
C HIS B 198 5.06 32.50 24.13
N GLN B 199 5.00 32.06 25.39
CA GLN B 199 5.49 32.87 26.50
C GLN B 199 6.92 33.32 26.30
N GLY B 200 7.75 32.50 25.66
CA GLY B 200 9.14 32.79 25.45
C GLY B 200 9.46 33.69 24.26
N LEU B 201 8.43 34.18 23.56
CA LEU B 201 8.63 35.03 22.39
C LEU B 201 8.13 36.43 22.71
N SER B 202 8.96 37.45 22.40
CA SER B 202 8.57 38.83 22.68
C SER B 202 7.45 39.30 21.75
N SER B 203 7.43 38.79 20.52
CA SER B 203 6.36 39.05 19.57
C SER B 203 6.15 37.75 18.77
N PRO B 204 4.99 37.64 18.12
CA PRO B 204 4.73 36.40 17.36
C PRO B 204 5.75 36.20 16.25
N VAL B 205 6.08 34.94 16.03
CA VAL B 205 7.00 34.52 14.99
C VAL B 205 6.18 34.00 13.83
N THR B 206 6.51 34.44 12.62
CA THR B 206 5.85 34.01 11.40
C THR B 206 6.88 33.34 10.50
N LYS B 207 6.64 32.08 10.16
CA LYS B 207 7.45 31.34 9.21
C LYS B 207 6.57 31.10 7.99
N SER B 208 7.10 31.37 6.80
CA SER B 208 6.27 31.37 5.60
C SER B 208 7.05 30.90 4.39
N PHE B 209 6.30 30.61 3.33
CA PHE B 209 6.89 30.29 2.04
C PHE B 209 5.92 30.71 0.94
N ASN B 210 6.49 30.93 -0.25
CA ASN B 210 5.73 31.20 -1.47
C ASN B 210 5.58 29.90 -2.25
N ARG B 211 4.34 29.54 -2.58
CA ARG B 211 4.10 28.26 -3.24
C ARG B 211 4.95 28.14 -4.50
N GLY B 212 5.64 27.03 -4.64
CA GLY B 212 6.47 26.81 -5.80
C GLY B 212 7.80 27.56 -5.80
N GLU B 213 8.55 27.46 -4.71
CA GLU B 213 9.89 28.03 -4.66
C GLU B 213 10.85 27.02 -4.01
N GLN C 1 -23.29 5.17 -25.42
CA GLN C 1 -23.60 4.98 -23.97
C GLN C 1 -22.39 5.35 -23.10
N VAL C 2 -22.13 4.60 -22.04
CA VAL C 2 -21.04 4.93 -21.12
C VAL C 2 -19.69 4.67 -21.77
N GLN C 3 -18.77 5.64 -21.65
CA GLN C 3 -17.38 5.48 -22.05
C GLN C 3 -16.47 5.93 -20.92
N LEU C 4 -15.32 5.26 -20.77
CA LEU C 4 -14.41 5.46 -19.65
C LEU C 4 -13.00 5.73 -20.18
N GLN C 5 -12.24 6.53 -19.44
CA GLN C 5 -10.87 6.86 -19.82
C GLN C 5 -10.02 7.02 -18.55
N GLU C 6 -9.01 6.17 -18.42
CA GLU C 6 -8.07 6.22 -17.31
C GLU C 6 -7.03 7.32 -17.51
N SER C 7 -6.53 7.87 -16.41
CA SER C 7 -5.41 8.80 -16.45
C SER C 7 -4.57 8.58 -15.20
N GLY C 8 -3.27 8.74 -15.36
CA GLY C 8 -2.39 8.56 -14.24
C GLY C 8 -0.97 8.39 -14.68
N PRO C 9 -0.04 8.38 -13.71
CA PRO C 9 1.39 8.32 -14.06
C PRO C 9 1.71 6.97 -14.65
N GLY C 10 2.68 6.95 -15.54
CA GLY C 10 3.18 5.70 -16.07
C GLY C 10 4.35 5.12 -15.32
N LEU C 11 4.93 5.91 -14.42
CA LEU C 11 6.08 5.48 -13.66
C LEU C 11 5.95 6.04 -12.25
N VAL C 12 6.09 5.17 -11.25
CA VAL C 12 6.13 5.59 -9.85
C VAL C 12 7.23 4.83 -9.12
N GLU C 13 7.83 5.48 -8.15
CA GLU C 13 8.90 4.87 -7.39
C GLU C 13 8.37 3.95 -6.28
N PRO C 14 9.11 2.91 -5.91
CA PRO C 14 8.70 2.09 -4.77
C PRO C 14 8.48 2.95 -3.55
N SER C 15 7.44 2.61 -2.78
CA SER C 15 6.98 3.23 -1.53
C SER C 15 6.14 4.47 -1.79
N GLU C 16 5.95 4.89 -3.04
CA GLU C 16 5.02 5.96 -3.30
C GLU C 16 3.60 5.42 -3.24
N THR C 17 2.64 6.34 -3.24
CA THR C 17 1.24 6.00 -3.41
C THR C 17 0.80 6.28 -4.84
N LEU C 18 0.16 5.31 -5.47
CA LEU C 18 -0.33 5.45 -6.85
C LEU C 18 -1.77 5.97 -6.86
N SER C 19 -1.99 7.04 -7.61
CA SER C 19 -3.31 7.65 -7.75
C SER C 19 -3.72 7.57 -9.22
N LEU C 20 -4.84 6.92 -9.50
CA LEU C 20 -5.40 6.82 -10.85
C LEU C 20 -6.78 7.42 -10.85
N THR C 21 -7.18 7.98 -12.00
CA THR C 21 -8.50 8.57 -12.17
C THR C 21 -9.14 8.05 -13.44
N CYS C 22 -10.44 7.78 -13.36
CA CYS C 22 -11.26 7.42 -14.51
C CYS C 22 -12.32 8.49 -14.79
N THR C 23 -12.35 9.02 -16.01
CA THR C 23 -13.36 10.00 -16.36
C THR C 23 -14.45 9.31 -17.19
N VAL C 24 -15.70 9.52 -16.82
CA VAL C 24 -16.85 8.85 -17.41
C VAL C 24 -17.64 9.87 -18.25
N SER C 25 -18.01 9.46 -19.45
CA SER C 25 -18.93 10.22 -20.30
C SER C 25 -20.10 9.34 -20.68
N GLY C 26 -21.23 9.96 -21.04
CA GLY C 26 -22.43 9.25 -21.41
C GLY C 26 -23.33 8.81 -20.27
N GLY C 27 -23.00 9.17 -19.05
CA GLY C 27 -23.83 8.79 -17.92
C GLY C 27 -23.23 9.40 -16.67
N SER C 28 -24.04 9.46 -15.63
CA SER C 28 -23.65 10.10 -14.39
C SER C 28 -22.94 9.10 -13.48
N ILE C 29 -21.92 9.58 -12.77
CA ILE C 29 -21.32 8.79 -11.70
C ILE C 29 -22.41 8.32 -10.72
N SER C 30 -23.36 9.20 -10.40
CA SER C 30 -24.46 8.87 -9.49
C SER C 30 -25.50 8.08 -10.27
N SER C 31 -25.41 6.76 -10.17
CA SER C 31 -26.24 5.83 -10.92
C SER C 31 -26.11 4.45 -10.29
N SER C 32 -26.90 3.52 -10.79
CA SER C 32 -26.90 2.14 -10.28
C SER C 32 -25.70 1.34 -10.72
N ASN C 33 -24.76 1.90 -11.46
CA ASN C 33 -23.55 1.20 -11.80
C ASN C 33 -22.65 1.03 -10.58
N TRP C 34 -21.78 0.00 -10.66
CA TRP C 34 -20.62 -0.18 -9.78
C TRP C 34 -19.33 0.13 -10.56
N TRP C 35 -18.68 1.24 -10.21
CA TRP C 35 -17.45 1.69 -10.86
C TRP C 35 -16.27 0.91 -10.32
N THR C 36 -15.51 0.32 -11.26
CA THR C 36 -14.65 -0.81 -10.97
C THR C 36 -13.22 -0.51 -11.44
N TRP C 37 -12.25 -1.02 -10.66
CA TRP C 37 -10.84 -1.05 -11.04
C TRP C 37 -10.41 -2.51 -11.13
N ILE C 38 -9.66 -2.81 -12.21
CA ILE C 38 -9.07 -4.10 -12.56
C ILE C 38 -7.60 -3.87 -12.87
N ARG C 39 -6.77 -4.88 -12.62
CA ARG C 39 -5.41 -4.81 -13.13
C ARG C 39 -4.96 -6.13 -13.73
N GLN C 40 -3.87 -6.04 -14.48
CA GLN C 40 -3.25 -7.18 -15.15
C GLN C 40 -1.75 -7.05 -15.08
N PRO C 41 -1.08 -7.76 -14.16
CA PRO C 41 0.38 -7.74 -14.14
C PRO C 41 0.94 -8.41 -15.39
N PRO C 42 2.20 -8.08 -15.74
CA PRO C 42 2.78 -8.63 -16.97
C PRO C 42 2.85 -10.15 -16.93
N GLY C 43 2.41 -10.77 -18.03
CA GLY C 43 2.40 -12.21 -18.12
C GLY C 43 1.35 -12.91 -17.29
N LYS C 44 0.42 -12.17 -16.66
CA LYS C 44 -0.51 -12.73 -15.72
C LYS C 44 -1.93 -12.41 -16.18
N GLY C 45 -2.89 -12.99 -15.48
CA GLY C 45 -4.29 -12.79 -15.80
C GLY C 45 -4.90 -11.55 -15.15
N LEU C 46 -6.20 -11.36 -15.37
CA LEU C 46 -6.92 -10.23 -14.80
C LEU C 46 -7.17 -10.41 -13.30
N GLU C 47 -7.12 -9.29 -12.59
CA GLU C 47 -7.39 -9.27 -11.16
C GLU C 47 -8.34 -8.13 -10.84
N TRP C 48 -9.50 -8.44 -10.27
CA TRP C 48 -10.39 -7.41 -9.77
C TRP C 48 -9.79 -6.73 -8.54
N ILE C 49 -9.81 -5.39 -8.52
CA ILE C 49 -9.22 -4.62 -7.41
C ILE C 49 -10.29 -4.21 -6.42
N GLY C 50 -11.37 -3.60 -6.91
CA GLY C 50 -12.48 -3.21 -6.07
C GLY C 50 -13.46 -2.36 -6.86
N ASN C 51 -14.51 -1.97 -6.16
CA ASN C 51 -15.51 -1.14 -6.80
C ASN C 51 -16.12 -0.15 -5.81
N ILE C 52 -16.95 0.72 -6.36
CA ILE C 52 -17.75 1.65 -5.56
C ILE C 52 -19.11 1.78 -6.22
N GLY C 53 -20.17 1.78 -5.40
CA GLY C 53 -21.50 2.04 -5.91
C GLY C 53 -21.71 3.52 -6.27
N GLY C 54 -22.14 3.76 -7.50
CA GLY C 54 -22.24 5.13 -7.97
C GLY C 54 -23.15 6.00 -7.14
N ASN C 55 -24.23 5.42 -6.60
CA ASN C 55 -25.14 6.14 -5.72
C ASN C 55 -24.82 5.96 -4.24
N SER C 56 -24.63 4.70 -3.79
CA SER C 56 -24.52 4.46 -2.36
C SER C 56 -23.16 4.85 -1.81
N GLY C 57 -22.11 4.81 -2.65
CA GLY C 57 -20.76 5.01 -2.18
C GLY C 57 -20.19 3.85 -1.39
N LYS C 58 -20.91 2.73 -1.29
CA LYS C 58 -20.33 1.55 -0.65
C LYS C 58 -19.18 1.00 -1.49
N THR C 59 -18.15 0.54 -0.81
CA THR C 59 -16.95 0.07 -1.49
C THR C 59 -16.68 -1.38 -1.12
N PHE C 60 -16.08 -2.10 -2.05
CA PHE C 60 -15.69 -3.49 -1.87
C PHE C 60 -14.35 -3.67 -2.53
N TYR C 61 -13.47 -4.43 -1.87
CA TYR C 61 -12.09 -4.57 -2.31
C TYR C 61 -11.64 -6.02 -2.29
N ASN C 62 -10.69 -6.34 -3.19
CA ASN C 62 -10.06 -7.66 -3.20
C ASN C 62 -9.39 -7.93 -1.85
N PRO C 63 -9.65 -9.07 -1.23
CA PRO C 63 -9.02 -9.33 0.09
C PRO C 63 -7.50 -9.28 0.02
N SER C 64 -6.88 -9.54 -1.13
CA SER C 64 -5.42 -9.55 -1.19
C SER C 64 -4.81 -8.15 -1.25
N LEU C 65 -5.62 -7.12 -1.48
CA LEU C 65 -5.15 -5.76 -1.61
C LEU C 65 -5.88 -4.77 -0.69
N LYS C 66 -6.86 -5.21 0.08
CA LYS C 66 -7.85 -4.29 0.62
C LYS C 66 -7.24 -3.25 1.53
N SER C 67 -6.19 -3.60 2.29
CA SER C 67 -5.62 -2.62 3.21
C SER C 67 -4.83 -1.55 2.47
N ARG C 68 -4.55 -1.73 1.18
CA ARG C 68 -3.76 -0.75 0.44
C ARG C 68 -4.56 0.05 -0.56
N VAL C 69 -5.82 -0.29 -0.80
CA VAL C 69 -6.59 0.34 -1.86
C VAL C 69 -7.68 1.21 -1.26
N THR C 70 -7.92 2.36 -1.88
CA THR C 70 -9.08 3.18 -1.55
C THR C 70 -9.67 3.63 -2.88
N ILE C 71 -10.98 3.47 -3.07
CA ILE C 71 -11.69 3.93 -4.26
C ILE C 71 -12.65 5.01 -3.83
N SER C 72 -12.66 6.12 -4.55
CA SER C 72 -13.55 7.23 -4.24
C SER C 72 -14.17 7.72 -5.54
N LYS C 73 -15.15 8.63 -5.43
CA LYS C 73 -15.84 9.12 -6.61
C LYS C 73 -16.21 10.59 -6.40
N ASP C 74 -16.45 11.26 -7.53
CA ASP C 74 -16.80 12.68 -7.52
C ASP C 74 -17.73 12.92 -8.70
N THR C 75 -19.03 13.05 -8.41
CA THR C 75 -20.03 13.13 -9.47
C THR C 75 -19.87 14.42 -10.27
N SER C 76 -19.58 15.53 -9.59
CA SER C 76 -19.49 16.82 -10.28
C SER C 76 -18.33 16.83 -11.26
N LYS C 77 -17.28 16.08 -10.99
CA LYS C 77 -16.15 16.00 -11.89
C LYS C 77 -16.26 14.85 -12.87
N LYS C 78 -17.30 14.02 -12.77
CA LYS C 78 -17.53 12.90 -13.68
C LYS C 78 -16.44 11.85 -13.60
N GLN C 79 -15.96 11.57 -12.39
CA GLN C 79 -14.79 10.74 -12.21
C GLN C 79 -14.94 9.83 -11.00
N PHE C 80 -14.17 8.75 -11.01
CA PHE C 80 -13.89 7.95 -9.83
C PHE C 80 -12.41 7.64 -9.87
N SER C 81 -11.85 7.25 -8.72
CA SER C 81 -10.41 7.21 -8.56
C SER C 81 -9.98 5.98 -7.76
N LEU C 82 -8.70 5.65 -7.90
CA LEU C 82 -8.05 4.61 -7.12
C LEU C 82 -6.80 5.14 -6.46
N ARG C 83 -6.64 4.85 -5.18
CA ARG C 83 -5.41 5.09 -4.43
C ARG C 83 -4.83 3.74 -4.03
N LEU C 84 -3.60 3.46 -4.46
CA LEU C 84 -2.87 2.27 -4.06
C LEU C 84 -1.62 2.67 -3.28
N SER C 85 -1.63 2.42 -1.99
CA SER C 85 -0.57 2.98 -1.15
C SER C 85 0.65 2.06 -1.14
N SER C 86 1.80 2.67 -0.82
CA SER C 86 3.08 1.98 -0.67
C SER C 86 3.32 0.91 -1.75
N VAL C 87 3.43 1.38 -2.98
CA VAL C 87 3.58 0.44 -4.07
C VAL C 87 4.98 -0.19 -4.00
N ALA C 88 5.06 -1.38 -4.60
CA ALA C 88 6.29 -2.13 -4.74
C ALA C 88 6.40 -2.60 -6.19
N ALA C 89 7.50 -3.24 -6.53
CA ALA C 89 7.71 -3.71 -7.91
C ALA C 89 6.59 -4.62 -8.40
N ALA C 90 6.05 -5.48 -7.51
CA ALA C 90 4.97 -6.37 -7.91
C ALA C 90 3.68 -5.67 -8.29
N ASP C 91 3.56 -4.37 -8.02
CA ASP C 91 2.38 -3.62 -8.46
C ASP C 91 2.46 -3.14 -9.92
N THR C 92 3.56 -3.41 -10.62
CA THR C 92 3.66 -3.13 -12.04
C THR C 92 2.56 -3.86 -12.78
N ALA C 93 1.78 -3.15 -13.59
CA ALA C 93 0.64 -3.77 -14.27
C ALA C 93 -0.03 -2.77 -15.19
N VAL C 94 -0.92 -3.29 -16.03
CA VAL C 94 -1.90 -2.45 -16.70
C VAL C 94 -3.11 -2.34 -15.79
N TYR C 95 -3.56 -1.12 -15.55
CA TYR C 95 -4.73 -0.83 -14.71
C TYR C 95 -5.87 -0.36 -15.60
N TYR C 96 -7.06 -0.98 -15.41
CA TYR C 96 -8.25 -0.67 -16.19
C TYR C 96 -9.32 -0.14 -15.23
N CYS C 97 -10.03 0.88 -15.68
CA CYS C 97 -11.31 1.19 -15.08
C CYS C 97 -12.43 0.58 -15.94
N ALA C 98 -13.56 0.28 -15.30
CA ALA C 98 -14.69 -0.32 -15.98
C ALA C 98 -16.00 0.01 -15.26
N ARG C 99 -17.09 -0.27 -15.98
CA ARG C 99 -18.44 -0.16 -15.46
C ARG C 99 -19.03 -1.55 -15.29
N HIS C 100 -19.50 -1.82 -14.10
CA HIS C 100 -20.20 -3.06 -13.75
C HIS C 100 -21.68 -2.72 -13.74
N SER C 101 -22.44 -3.18 -14.74
CA SER C 101 -23.85 -2.87 -14.81
C SER C 101 -24.62 -3.67 -13.79
N SER C 102 -25.78 -3.14 -13.41
CA SER C 102 -26.58 -3.64 -12.29
C SER C 102 -28.00 -4.04 -12.72
N GLY C 103 -28.47 -5.17 -12.21
CA GLY C 103 -29.90 -5.40 -12.09
C GLY C 103 -30.44 -4.76 -10.82
N TYR C 104 -31.68 -5.13 -10.49
CA TYR C 104 -32.28 -4.59 -9.26
C TYR C 104 -31.75 -5.27 -8.00
N PHE C 105 -31.48 -6.58 -8.06
CA PHE C 105 -31.03 -7.34 -6.90
C PHE C 105 -29.81 -8.21 -7.17
N THR C 106 -29.33 -8.24 -8.41
CA THR C 106 -28.17 -9.00 -8.83
C THR C 106 -27.42 -8.11 -9.80
N LEU C 107 -26.14 -8.42 -9.99
CA LEU C 107 -25.32 -7.65 -10.93
C LEU C 107 -25.19 -8.36 -12.28
N TYR C 108 -24.97 -7.58 -13.32
CA TYR C 108 -24.58 -8.05 -14.64
C TYR C 108 -23.05 -8.10 -14.61
N ALA C 109 -22.39 -7.62 -15.66
CA ALA C 109 -20.96 -7.84 -15.77
C ALA C 109 -20.29 -6.53 -16.24
N LEU C 110 -19.00 -6.66 -16.54
CA LEU C 110 -18.15 -5.52 -16.91
C LEU C 110 -18.23 -5.28 -18.41
N ASP C 111 -19.29 -4.56 -18.81
CA ASP C 111 -19.63 -4.39 -20.23
C ASP C 111 -18.89 -3.22 -20.88
N SER C 112 -18.32 -2.30 -20.11
CA SER C 112 -17.61 -1.14 -20.64
C SER C 112 -16.30 -0.94 -19.91
N TRP C 113 -15.22 -0.75 -20.65
CA TRP C 113 -13.86 -0.70 -20.12
C TRP C 113 -13.17 0.52 -20.68
N GLY C 114 -12.36 1.14 -19.88
CA GLY C 114 -11.35 2.01 -20.42
C GLY C 114 -10.26 1.22 -21.11
N GLN C 115 -9.41 1.95 -21.81
CA GLN C 115 -8.40 1.32 -22.64
C GLN C 115 -7.20 0.86 -21.83
N GLY C 116 -7.04 1.32 -20.61
CA GLY C 116 -6.01 0.83 -19.72
C GLY C 116 -4.84 1.80 -19.65
N VAL C 117 -4.19 1.86 -18.50
CA VAL C 117 -2.98 2.64 -18.33
C VAL C 117 -1.88 1.71 -17.83
N VAL C 118 -0.72 1.79 -18.46
CA VAL C 118 0.42 0.96 -18.10
C VAL C 118 1.15 1.69 -16.98
N VAL C 119 1.34 1.02 -15.84
CA VAL C 119 2.02 1.57 -14.68
C VAL C 119 3.22 0.68 -14.33
N THR C 120 4.40 1.27 -14.27
CA THR C 120 5.63 0.57 -13.92
C THR C 120 6.10 1.12 -12.57
N VAL C 121 6.47 0.24 -11.67
CA VAL C 121 7.02 0.63 -10.38
C VAL C 121 8.52 0.38 -10.43
N SER C 122 9.31 1.45 -10.39
CA SER C 122 10.74 1.33 -10.59
C SER C 122 11.42 2.58 -10.05
N SER C 123 12.65 2.40 -9.58
CA SER C 123 13.50 3.53 -9.25
C SER C 123 14.21 4.17 -10.45
N ALA C 124 14.20 3.51 -11.61
CA ALA C 124 14.81 4.04 -12.81
C ALA C 124 14.02 5.26 -13.28
N SER C 125 14.67 6.10 -14.08
CA SER C 125 14.08 7.33 -14.58
C SER C 125 13.53 7.18 -16.00
N THR C 126 12.64 8.09 -16.35
CA THR C 126 12.05 8.12 -17.68
C THR C 126 13.08 8.50 -18.72
N LYS C 127 13.03 7.83 -19.86
CA LYS C 127 13.91 8.15 -20.98
C LYS C 127 13.10 8.10 -22.28
N GLY C 128 13.20 9.14 -23.08
CA GLY C 128 12.55 9.13 -24.37
C GLY C 128 13.33 8.36 -25.41
N PRO C 129 12.64 7.86 -26.45
CA PRO C 129 13.30 6.97 -27.40
C PRO C 129 14.08 7.77 -28.43
N SER C 130 15.11 7.12 -28.98
CA SER C 130 15.67 7.51 -30.27
C SER C 130 15.02 6.67 -31.35
N VAL C 131 14.78 7.28 -32.53
CA VAL C 131 14.04 6.62 -33.62
C VAL C 131 14.92 6.63 -34.85
N PHE C 132 15.31 5.43 -35.31
CA PHE C 132 16.18 5.25 -36.47
C PHE C 132 15.42 4.59 -37.62
N PRO C 133 15.70 4.95 -38.86
CA PRO C 133 15.01 4.29 -39.98
C PRO C 133 15.56 2.90 -40.25
N LEU C 134 14.68 2.01 -40.69
CA LEU C 134 15.05 0.72 -41.26
C LEU C 134 14.82 0.83 -42.77
N ALA C 135 15.88 1.11 -43.51
CA ALA C 135 15.75 1.50 -44.91
C ALA C 135 15.60 0.28 -45.80
N PRO C 136 14.65 0.26 -46.73
CA PRO C 136 14.58 -0.85 -47.69
C PRO C 136 15.75 -0.82 -48.66
N SER C 137 16.17 -2.00 -49.09
CA SER C 137 17.26 -2.17 -50.03
C SER C 137 17.00 -3.42 -50.86
N SER C 138 17.99 -3.82 -51.67
CA SER C 138 17.88 -5.07 -52.39
C SER C 138 17.73 -6.25 -51.44
N LYS C 139 18.43 -6.20 -50.29
CA LYS C 139 18.31 -7.21 -49.26
C LYS C 139 17.03 -7.09 -48.44
N SER C 140 16.21 -6.08 -48.73
CA SER C 140 14.88 -5.96 -48.14
C SER C 140 13.82 -6.00 -49.22
N THR C 141 14.11 -6.70 -50.32
CA THR C 141 13.18 -6.89 -51.44
C THR C 141 13.16 -8.37 -51.80
N SER C 142 12.01 -9.01 -51.64
CA SER C 142 11.82 -10.41 -51.96
C SER C 142 10.67 -10.51 -52.96
N GLY C 143 10.98 -10.98 -54.16
CA GLY C 143 9.98 -10.95 -55.22
C GLY C 143 9.59 -9.51 -55.50
N GLY C 144 8.28 -9.26 -55.57
CA GLY C 144 7.78 -7.91 -55.72
C GLY C 144 7.39 -7.31 -54.37
N THR C 145 7.99 -7.81 -53.30
CA THR C 145 7.66 -7.38 -51.94
C THR C 145 8.86 -6.65 -51.32
N ALA C 146 8.60 -5.49 -50.74
CA ALA C 146 9.61 -4.70 -50.06
C ALA C 146 9.21 -4.44 -48.61
N ALA C 147 10.17 -4.56 -47.70
CA ALA C 147 9.95 -4.30 -46.29
C ALA C 147 10.74 -3.08 -45.85
N LEU C 148 10.15 -2.27 -44.96
CA LEU C 148 10.80 -1.12 -44.35
C LEU C 148 10.28 -1.01 -42.93
N GLY C 149 10.89 -0.14 -42.15
CA GLY C 149 10.45 0.01 -40.77
C GLY C 149 11.18 1.10 -40.04
N CYS C 150 10.94 1.14 -38.72
CA CYS C 150 11.49 2.10 -37.78
C CYS C 150 11.96 1.36 -36.54
N LEU C 151 13.16 1.67 -36.08
CA LEU C 151 13.68 1.13 -34.82
C LEU C 151 13.52 2.18 -33.72
N VAL C 152 12.72 1.85 -32.70
CA VAL C 152 12.43 2.73 -31.58
C VAL C 152 13.24 2.23 -30.38
N LYS C 153 14.26 2.97 -30.00
CA LYS C 153 15.31 2.41 -29.18
C LYS C 153 15.58 3.26 -27.95
N ASP C 154 15.79 2.57 -26.84
CA ASP C 154 16.37 3.14 -25.61
C ASP C 154 15.40 4.05 -24.89
N TYR C 155 14.21 3.52 -24.59
CA TYR C 155 13.22 4.30 -23.89
C TYR C 155 12.77 3.58 -22.62
N PHE C 156 12.18 4.39 -21.70
CA PHE C 156 11.71 3.85 -20.42
C PHE C 156 10.67 4.82 -19.88
N PRO C 157 9.54 4.37 -19.33
CA PRO C 157 9.02 2.99 -19.28
C PRO C 157 8.14 2.68 -20.49
N GLU C 158 7.50 1.51 -20.53
CA GLU C 158 6.47 1.24 -21.53
C GLU C 158 5.26 2.15 -21.30
N PRO C 159 4.45 2.39 -22.35
CA PRO C 159 4.58 1.90 -23.72
C PRO C 159 4.95 2.98 -24.72
N VAL C 160 5.26 2.59 -25.95
CA VAL C 160 5.31 3.54 -27.05
C VAL C 160 4.22 3.10 -28.00
N THR C 161 3.69 4.04 -28.77
CA THR C 161 2.75 3.72 -29.85
C THR C 161 3.38 4.15 -31.17
N VAL C 162 3.17 3.35 -32.21
CA VAL C 162 3.74 3.62 -33.52
C VAL C 162 2.61 3.52 -34.55
N SER C 163 2.48 4.54 -35.38
CA SER C 163 1.61 4.51 -36.54
C SER C 163 2.45 4.90 -37.76
N TRP C 164 1.89 4.65 -38.94
CA TRP C 164 2.57 4.92 -40.20
C TRP C 164 1.68 5.86 -41.00
N ASN C 165 2.29 6.95 -41.50
CA ASN C 165 1.59 7.94 -42.31
C ASN C 165 0.31 8.42 -41.60
N SER C 166 0.49 8.73 -40.31
CA SER C 166 -0.59 9.24 -39.45
C SER C 166 -1.78 8.30 -39.40
N GLY C 167 -1.53 7.00 -39.55
CA GLY C 167 -2.59 6.01 -39.49
C GLY C 167 -3.20 5.65 -40.82
N ALA C 168 -2.82 6.34 -41.90
CA ALA C 168 -3.36 6.00 -43.21
C ALA C 168 -2.83 4.65 -43.68
N LEU C 169 -1.62 4.28 -43.26
CA LEU C 169 -1.02 3.00 -43.65
C LEU C 169 -1.18 2.04 -42.48
N THR C 170 -1.99 1.00 -42.68
CA THR C 170 -2.22 0.02 -41.62
C THR C 170 -2.07 -1.39 -42.19
N SER C 171 -2.36 -1.55 -43.47
CA SER C 171 -2.15 -2.82 -44.15
C SER C 171 -0.66 -3.15 -44.22
N GLY C 172 -0.30 -4.36 -43.81
CA GLY C 172 1.08 -4.77 -43.85
C GLY C 172 1.93 -4.34 -42.67
N VAL C 173 1.37 -3.64 -41.70
CA VAL C 173 2.15 -3.12 -40.57
C VAL C 173 2.29 -4.19 -39.51
N HIS C 174 3.51 -4.34 -38.99
CA HIS C 174 3.78 -5.20 -37.84
C HIS C 174 4.60 -4.38 -36.85
N THR C 175 4.02 -4.09 -35.69
CA THR C 175 4.72 -3.43 -34.60
C THR C 175 5.01 -4.49 -33.56
N PHE C 176 6.29 -4.75 -33.31
CA PHE C 176 6.69 -5.87 -32.47
C PHE C 176 6.63 -5.51 -30.98
N PRO C 177 6.36 -6.49 -30.11
CA PRO C 177 6.48 -6.23 -28.66
C PRO C 177 7.88 -5.74 -28.30
N ALA C 178 7.95 -4.81 -27.36
CA ALA C 178 9.22 -4.29 -26.90
C ALA C 178 10.03 -5.38 -26.18
N VAL C 179 11.35 -5.34 -26.34
CA VAL C 179 12.26 -6.15 -25.55
C VAL C 179 13.05 -5.25 -24.60
N LEU C 180 13.30 -5.76 -23.40
CA LEU C 180 14.09 -5.07 -22.38
C LEU C 180 15.55 -5.43 -22.60
N GLN C 181 16.37 -4.40 -22.87
CA GLN C 181 17.78 -4.61 -23.17
C GLN C 181 18.57 -4.74 -21.88
N SER C 182 19.79 -5.22 -22.02
CA SER C 182 20.68 -5.37 -20.87
C SER C 182 20.87 -4.05 -20.14
N SER C 183 20.71 -2.93 -20.84
CA SER C 183 20.85 -1.63 -20.23
C SER C 183 19.65 -1.24 -19.36
N GLY C 184 18.59 -2.02 -19.33
CA GLY C 184 17.39 -1.62 -18.62
C GLY C 184 16.46 -0.71 -19.40
N LEU C 185 16.76 -0.41 -20.66
CA LEU C 185 15.88 0.35 -21.53
C LEU C 185 15.22 -0.58 -22.55
N TYR C 186 14.04 -0.20 -23.03
CA TYR C 186 13.29 -0.96 -24.01
C TYR C 186 13.68 -0.56 -25.44
N SER C 187 13.43 -1.49 -26.34
CA SER C 187 13.62 -1.30 -27.76
C SER C 187 12.58 -2.12 -28.51
N LEU C 188 11.99 -1.52 -29.54
CA LEU C 188 11.07 -2.25 -30.41
C LEU C 188 11.28 -1.78 -31.84
N SER C 189 10.78 -2.58 -32.78
CA SER C 189 10.75 -2.22 -34.18
C SER C 189 9.32 -2.26 -34.70
N SER C 190 9.03 -1.39 -35.65
CA SER C 190 7.81 -1.42 -36.43
C SER C 190 8.22 -1.52 -37.89
N VAL C 191 7.63 -2.48 -38.61
CA VAL C 191 7.91 -2.68 -40.02
C VAL C 191 6.61 -2.72 -40.81
N VAL C 192 6.74 -2.43 -42.09
CA VAL C 192 5.61 -2.54 -42.99
C VAL C 192 6.13 -3.11 -44.30
N THR C 193 5.50 -4.19 -44.77
CA THR C 193 5.84 -4.80 -46.05
C THR C 193 4.91 -4.22 -47.11
N VAL C 194 5.45 -3.99 -48.30
CA VAL C 194 4.72 -3.28 -49.34
C VAL C 194 5.17 -3.79 -50.71
N PRO C 195 4.41 -3.53 -51.77
CA PRO C 195 4.88 -3.90 -53.11
C PRO C 195 6.21 -3.21 -53.42
N SER C 196 7.20 -4.00 -53.86
CA SER C 196 8.50 -3.42 -54.19
C SER C 196 8.37 -2.22 -55.11
N SER C 197 7.41 -2.27 -56.04
CA SER C 197 7.11 -1.12 -56.87
C SER C 197 6.68 0.08 -56.03
N SER C 198 6.06 -0.16 -54.88
CA SER C 198 5.52 0.93 -54.08
C SER C 198 6.61 1.76 -53.45
N LEU C 199 7.86 1.27 -53.42
CA LEU C 199 8.96 2.09 -52.91
C LEU C 199 9.20 3.29 -53.81
N GLY C 200 9.01 3.12 -55.11
CA GLY C 200 9.27 4.18 -56.04
C GLY C 200 8.12 5.13 -56.27
N THR C 201 6.97 4.86 -55.67
CA THR C 201 5.78 5.66 -55.90
C THR C 201 5.17 6.15 -54.61
N GLN C 202 5.64 5.64 -53.47
CA GLN C 202 4.97 5.94 -52.19
C GLN C 202 5.96 6.48 -51.17
N THR C 203 5.44 7.28 -50.24
CA THR C 203 6.20 7.85 -49.12
C THR C 203 5.81 7.20 -47.79
N TYR C 204 6.78 7.12 -46.89
CA TYR C 204 6.61 6.34 -45.66
C TYR C 204 7.22 7.07 -44.49
N ILE C 205 6.37 7.40 -43.52
CA ILE C 205 6.73 8.13 -42.31
C ILE C 205 6.18 7.38 -41.11
N CYS C 206 7.00 7.16 -40.08
CA CYS C 206 6.53 6.48 -38.88
C CYS C 206 6.36 7.50 -37.78
N ASN C 207 5.23 7.46 -37.10
CA ASN C 207 4.88 8.39 -36.04
C ASN C 207 5.01 7.67 -34.71
N VAL C 208 5.93 8.14 -33.87
CA VAL C 208 6.26 7.49 -32.61
C VAL C 208 5.79 8.39 -31.46
N ASN C 209 5.05 7.80 -30.53
CA ASN C 209 4.51 8.50 -29.38
C ASN C 209 5.01 7.80 -28.13
N HIS C 210 5.67 8.56 -27.24
CA HIS C 210 6.08 8.04 -25.93
C HIS C 210 5.55 9.01 -24.88
N LYS C 211 4.35 8.75 -24.36
CA LYS C 211 3.71 9.70 -23.45
C LYS C 211 4.46 9.91 -22.14
N PRO C 212 5.06 8.88 -21.52
CA PRO C 212 5.77 9.14 -20.27
C PRO C 212 6.85 10.19 -20.37
N SER C 213 7.44 10.39 -21.55
CA SER C 213 8.48 11.41 -21.71
C SER C 213 7.93 12.58 -22.51
N ASN C 214 6.64 12.56 -22.84
CA ASN C 214 6.03 13.56 -23.72
C ASN C 214 6.85 13.73 -25.00
N THR C 215 7.22 12.61 -25.60
CA THR C 215 8.00 12.59 -26.83
C THR C 215 7.09 12.25 -28.00
N LYS C 216 7.21 13.01 -29.08
CA LYS C 216 6.48 12.76 -30.31
C LYS C 216 7.45 13.03 -31.45
N VAL C 217 7.69 12.02 -32.27
CA VAL C 217 8.63 12.13 -33.39
C VAL C 217 8.02 11.53 -34.63
N ASP C 218 8.21 12.22 -35.76
CA ASP C 218 7.90 11.72 -37.08
C ASP C 218 9.21 11.50 -37.82
N LYS C 219 9.34 10.35 -38.47
CA LYS C 219 10.60 9.97 -39.10
C LYS C 219 10.29 9.42 -40.48
N ARG C 220 10.80 10.09 -41.51
CA ARG C 220 10.68 9.62 -42.88
C ARG C 220 11.64 8.46 -43.11
N VAL C 221 11.15 7.41 -43.77
CA VAL C 221 11.96 6.24 -44.09
C VAL C 221 12.19 6.23 -45.59
N GLU C 222 13.46 6.16 -46.00
CA GLU C 222 13.85 6.23 -47.39
C GLU C 222 14.80 5.09 -47.73
N PRO C 223 14.67 4.50 -48.95
CA PRO C 223 15.56 3.39 -49.31
C PRO C 223 17.04 3.72 -49.15
N LYS C 224 17.87 2.69 -48.97
CA LYS C 224 19.30 2.86 -48.82
C LYS C 224 19.65 4.02 -47.88
N ASP D 1 -12.61 -19.11 -0.13
CA ASP D 1 -13.33 -18.05 -0.91
C ASP D 1 -13.83 -18.60 -2.27
N ILE D 2 -13.99 -17.71 -3.24
CA ILE D 2 -14.33 -18.11 -4.60
C ILE D 2 -13.05 -18.22 -5.39
N GLN D 3 -12.73 -19.43 -5.86
CA GLN D 3 -11.65 -19.60 -6.82
C GLN D 3 -12.21 -20.20 -8.12
N MET D 4 -11.66 -19.75 -9.25
CA MET D 4 -12.07 -20.18 -10.56
C MET D 4 -10.88 -20.84 -11.22
N THR D 5 -11.11 -21.98 -11.87
CA THR D 5 -10.12 -22.61 -12.71
C THR D 5 -10.69 -22.73 -14.13
N GLN D 6 -9.80 -22.79 -15.10
CA GLN D 6 -10.18 -22.96 -16.50
C GLN D 6 -9.38 -24.11 -17.07
N SER D 7 -9.99 -24.81 -18.01
CA SER D 7 -9.33 -25.91 -18.71
C SER D 7 -9.75 -25.94 -20.18
N PRO D 8 -8.81 -26.13 -21.11
CA PRO D 8 -7.35 -26.24 -20.92
C PRO D 8 -6.74 -24.86 -20.69
N SER D 9 -5.49 -24.77 -20.21
CA SER D 9 -4.84 -23.47 -20.11
C SER D 9 -4.53 -22.90 -21.50
N SER D 10 -4.36 -23.75 -22.49
CA SER D 10 -4.26 -23.27 -23.85
C SER D 10 -4.61 -24.38 -24.82
N LEU D 11 -5.06 -23.99 -25.99
CA LEU D 11 -5.39 -24.93 -27.04
C LEU D 11 -5.30 -24.19 -28.37
N SER D 12 -5.32 -24.97 -29.44
CA SER D 12 -5.41 -24.39 -30.78
C SER D 12 -6.42 -25.19 -31.56
N ALA D 13 -7.10 -24.54 -32.50
CA ALA D 13 -8.07 -25.19 -33.36
C ALA D 13 -8.04 -24.51 -34.73
N SER D 14 -8.67 -25.16 -35.69
CA SER D 14 -8.68 -24.70 -37.07
C SER D 14 -9.88 -23.80 -37.35
N VAL D 15 -9.74 -22.94 -38.36
CA VAL D 15 -10.88 -22.14 -38.80
C VAL D 15 -12.03 -23.04 -39.19
N GLY D 16 -13.25 -22.72 -38.73
CA GLY D 16 -14.39 -23.60 -38.96
C GLY D 16 -14.66 -24.59 -37.83
N ASP D 17 -13.72 -24.78 -36.93
CA ASP D 17 -13.91 -25.77 -35.89
C ASP D 17 -14.95 -25.29 -34.87
N ARG D 18 -15.47 -26.25 -34.10
CA ARG D 18 -16.24 -25.96 -32.90
C ARG D 18 -15.30 -26.18 -31.72
N VAL D 19 -15.10 -25.15 -30.91
CA VAL D 19 -14.15 -25.17 -29.80
C VAL D 19 -14.93 -25.04 -28.51
N THR D 20 -14.51 -25.76 -27.47
CA THR D 20 -15.15 -25.68 -26.17
C THR D 20 -14.10 -25.43 -25.10
N ILE D 21 -14.37 -24.46 -24.24
CA ILE D 21 -13.52 -24.08 -23.12
C ILE D 21 -14.34 -24.19 -21.85
N THR D 22 -13.74 -24.70 -20.78
CA THR D 22 -14.48 -24.96 -19.54
C THR D 22 -13.96 -24.12 -18.37
N CYS D 23 -14.85 -23.82 -17.42
CA CYS D 23 -14.56 -23.06 -16.22
C CYS D 23 -15.14 -23.85 -15.07
N ARG D 24 -14.43 -23.87 -13.96
CA ARG D 24 -14.95 -24.49 -12.74
C ARG D 24 -14.83 -23.53 -11.57
N ALA D 25 -15.94 -23.36 -10.85
CA ALA D 25 -15.97 -22.53 -9.65
C ALA D 25 -15.86 -23.43 -8.41
N SER D 26 -15.12 -22.97 -7.40
CA SER D 26 -14.90 -23.78 -6.20
C SER D 26 -16.18 -23.96 -5.41
N GLN D 27 -17.19 -23.12 -5.60
CA GLN D 27 -18.48 -23.27 -4.95
C GLN D 27 -19.59 -22.88 -5.92
N ASP D 28 -20.79 -23.35 -5.63
CA ASP D 28 -21.95 -23.11 -6.48
C ASP D 28 -22.22 -21.61 -6.62
N ILE D 29 -22.18 -21.10 -7.84
CA ILE D 29 -22.45 -19.70 -8.11
C ILE D 29 -23.67 -19.54 -9.01
N SER D 30 -24.56 -20.51 -9.01
CA SER D 30 -25.79 -20.48 -9.83
C SER D 30 -25.42 -20.19 -11.29
N TYR D 31 -26.04 -19.20 -11.93
CA TYR D 31 -25.66 -18.87 -13.29
C TYR D 31 -24.90 -17.55 -13.41
N TYR D 32 -24.29 -17.08 -12.33
CA TYR D 32 -23.66 -15.75 -12.30
C TYR D 32 -22.22 -15.84 -12.81
N LEU D 33 -22.08 -16.28 -14.06
CA LEU D 33 -20.77 -16.49 -14.68
C LEU D 33 -20.70 -15.70 -15.99
N ALA D 34 -19.65 -14.89 -16.14
CA ALA D 34 -19.41 -14.13 -17.37
C ALA D 34 -18.20 -14.68 -18.09
N TRP D 35 -18.16 -14.43 -19.39
CA TRP D 35 -17.04 -14.77 -20.24
C TRP D 35 -16.56 -13.50 -20.94
N TYR D 36 -15.24 -13.35 -20.96
CA TYR D 36 -14.59 -12.24 -21.67
C TYR D 36 -13.56 -12.73 -22.69
N GLN D 37 -13.40 -11.98 -23.76
CA GLN D 37 -12.34 -12.18 -24.73
C GLN D 37 -11.34 -11.04 -24.60
N GLN D 38 -10.06 -11.37 -24.50
CA GLN D 38 -9.04 -10.32 -24.46
C GLN D 38 -8.05 -10.49 -25.61
N LYS D 39 -8.01 -9.52 -26.49
CA LYS D 39 -6.98 -9.44 -27.52
C LYS D 39 -5.68 -8.85 -26.96
N PRO D 40 -4.54 -9.17 -27.58
CA PRO D 40 -3.27 -8.63 -27.09
C PRO D 40 -3.25 -7.12 -27.14
N GLY D 41 -2.84 -6.52 -26.03
CA GLY D 41 -2.78 -5.07 -25.95
C GLY D 41 -4.12 -4.35 -25.82
N LYS D 42 -5.21 -5.07 -25.56
CA LYS D 42 -6.53 -4.47 -25.52
C LYS D 42 -7.23 -4.80 -24.21
N ALA D 43 -8.19 -3.97 -23.81
CA ALA D 43 -9.04 -4.30 -22.69
C ALA D 43 -9.91 -5.48 -23.07
N PRO D 44 -10.31 -6.30 -22.11
CA PRO D 44 -11.26 -7.39 -22.39
C PRO D 44 -12.60 -6.88 -22.91
N ASN D 45 -13.25 -7.74 -23.67
CA ASN D 45 -14.60 -7.54 -24.17
C ASN D 45 -15.54 -8.59 -23.58
N LEU D 46 -16.65 -8.12 -23.01
CA LEU D 46 -17.67 -9.03 -22.49
C LEU D 46 -18.33 -9.78 -23.63
N LEU D 47 -18.36 -11.11 -23.52
CA LEU D 47 -19.08 -11.95 -24.47
C LEU D 47 -20.43 -12.42 -23.95
N ILE D 48 -20.44 -12.93 -22.73
CA ILE D 48 -21.57 -13.62 -22.12
C ILE D 48 -21.63 -13.28 -20.64
N TYR D 49 -22.85 -13.17 -20.13
CA TYR D 49 -23.09 -13.03 -18.69
C TYR D 49 -24.32 -13.84 -18.35
N GLN D 50 -24.56 -14.02 -17.06
CA GLN D 50 -25.57 -14.94 -16.58
C GLN D 50 -25.42 -16.33 -17.20
N ALA D 51 -24.18 -16.72 -17.47
CA ALA D 51 -23.78 -18.02 -18.00
C ALA D 51 -24.14 -18.25 -19.45
N SER D 52 -25.28 -17.77 -19.91
CA SER D 52 -25.70 -18.00 -21.28
C SER D 52 -26.29 -16.78 -22.00
N THR D 53 -26.40 -15.61 -21.38
CA THR D 53 -26.95 -14.45 -22.09
C THR D 53 -25.85 -13.85 -22.96
N LEU D 54 -26.06 -13.84 -24.26
CA LEU D 54 -25.11 -13.23 -25.19
C LEU D 54 -25.21 -11.70 -25.12
N GLN D 55 -24.08 -11.04 -24.93
CA GLN D 55 -24.09 -9.59 -24.82
C GLN D 55 -24.38 -8.96 -26.20
N GLY D 56 -25.09 -7.83 -26.17
CA GLY D 56 -25.42 -7.09 -27.40
C GLY D 56 -24.18 -6.86 -28.25
N GLY D 57 -24.30 -7.08 -29.56
CA GLY D 57 -23.22 -6.88 -30.52
C GLY D 57 -22.25 -8.07 -30.65
N VAL D 58 -22.32 -9.08 -29.80
CA VAL D 58 -21.37 -10.19 -29.89
C VAL D 58 -21.81 -11.18 -30.96
N PRO D 59 -20.90 -11.73 -31.76
CA PRO D 59 -21.33 -12.65 -32.84
C PRO D 59 -22.06 -13.87 -32.34
N SER D 60 -23.01 -14.35 -33.15
CA SER D 60 -23.84 -15.48 -32.77
C SER D 60 -23.04 -16.78 -32.54
N ARG D 61 -21.81 -16.90 -33.04
CA ARG D 61 -21.10 -18.17 -32.85
C ARG D 61 -20.61 -18.40 -31.41
N PHE D 62 -20.76 -17.42 -30.53
CA PHE D 62 -20.32 -17.53 -29.14
C PHE D 62 -21.53 -17.95 -28.30
N SER D 63 -21.40 -19.05 -27.55
CA SER D 63 -22.49 -19.46 -26.68
C SER D 63 -21.96 -19.98 -25.34
N GLY D 64 -22.77 -19.84 -24.30
CA GLY D 64 -22.39 -20.29 -22.98
C GLY D 64 -23.44 -21.23 -22.43
N SER D 65 -22.98 -22.20 -21.63
CA SER D 65 -23.87 -23.12 -20.95
C SER D 65 -23.32 -23.46 -19.56
N GLY D 66 -24.12 -24.16 -18.80
CA GLY D 66 -23.74 -24.61 -17.47
C GLY D 66 -24.43 -23.80 -16.38
N SER D 67 -24.41 -24.38 -15.19
CA SER D 67 -24.92 -23.74 -13.98
C SER D 67 -24.28 -24.41 -12.77
N GLY D 68 -24.23 -23.68 -11.66
CA GLY D 68 -23.69 -24.28 -10.44
C GLY D 68 -22.19 -24.11 -10.32
N THR D 69 -21.45 -25.15 -10.68
CA THR D 69 -20.01 -25.14 -10.57
C THR D 69 -19.25 -25.31 -11.88
N ASP D 70 -19.87 -25.84 -12.93
CA ASP D 70 -19.18 -26.12 -14.18
C ASP D 70 -19.86 -25.40 -15.33
N PHE D 71 -19.05 -24.74 -16.16
CA PHE D 71 -19.56 -23.84 -17.20
C PHE D 71 -18.73 -24.05 -18.43
N THR D 72 -19.29 -23.69 -19.58
CA THR D 72 -18.66 -23.97 -20.85
C THR D 72 -18.91 -22.80 -21.77
N LEU D 73 -17.84 -22.35 -22.42
CA LEU D 73 -17.89 -21.44 -23.54
C LEU D 73 -17.63 -22.24 -24.82
N THR D 74 -18.56 -22.16 -25.76
CA THR D 74 -18.47 -22.84 -27.05
C THR D 74 -18.39 -21.81 -28.16
N ILE D 75 -17.41 -21.98 -29.03
CA ILE D 75 -17.24 -21.13 -30.20
C ILE D 75 -17.47 -22.01 -31.40
N SER D 76 -18.59 -21.83 -32.08
CA SER D 76 -18.84 -22.55 -33.31
C SER D 76 -18.17 -21.77 -34.46
N SER D 77 -17.97 -22.42 -35.58
CA SER D 77 -17.45 -21.78 -36.77
C SER D 77 -16.30 -20.81 -36.43
N LEU D 78 -15.24 -21.37 -35.83
CA LEU D 78 -14.12 -20.56 -35.37
C LEU D 78 -13.56 -19.71 -36.51
N GLN D 79 -13.35 -18.46 -36.26
CA GLN D 79 -12.82 -17.50 -37.22
C GLN D 79 -11.40 -17.11 -36.84
N PRO D 80 -10.60 -16.67 -37.80
CA PRO D 80 -9.22 -16.30 -37.50
C PRO D 80 -9.12 -15.20 -36.45
N GLU D 81 -10.08 -14.26 -36.44
CA GLU D 81 -10.00 -13.14 -35.51
C GLU D 81 -10.40 -13.55 -34.09
N ASP D 82 -10.67 -14.83 -33.84
CA ASP D 82 -11.08 -15.30 -32.53
C ASP D 82 -9.90 -15.71 -31.68
N PHE D 83 -8.66 -15.62 -32.19
CA PHE D 83 -7.50 -15.84 -31.33
C PHE D 83 -7.53 -14.80 -30.22
N ALA D 84 -7.31 -15.26 -28.98
CA ALA D 84 -7.42 -14.42 -27.80
C ALA D 84 -7.19 -15.27 -26.55
N THR D 85 -7.05 -14.59 -25.40
CA THR D 85 -7.18 -15.20 -24.09
C THR D 85 -8.61 -15.00 -23.62
N TYR D 86 -9.24 -16.07 -23.14
CA TYR D 86 -10.64 -16.11 -22.76
C TYR D 86 -10.67 -16.27 -21.25
N TYR D 87 -11.41 -15.41 -20.57
CA TYR D 87 -11.51 -15.42 -19.13
C TYR D 87 -12.96 -15.67 -18.70
N CYS D 88 -13.17 -16.51 -17.69
CA CYS D 88 -14.44 -16.54 -16.99
C CYS D 88 -14.37 -15.65 -15.73
N GLN D 89 -15.57 -15.31 -15.24
CA GLN D 89 -15.62 -14.49 -14.05
C GLN D 89 -16.93 -14.71 -13.29
N TYR D 90 -16.85 -14.91 -11.98
CA TYR D 90 -18.02 -14.76 -11.10
C TYR D 90 -18.42 -13.27 -11.05
N HIS D 91 -19.64 -12.95 -11.48
CA HIS D 91 -19.97 -11.54 -11.68
C HIS D 91 -21.01 -11.02 -10.71
N ASN D 92 -21.31 -11.73 -9.63
CA ASN D 92 -22.41 -11.26 -8.78
C ASN D 92 -22.04 -10.83 -7.37
N SER D 93 -20.85 -11.16 -6.88
CA SER D 93 -20.45 -10.67 -5.56
C SER D 93 -18.92 -10.64 -5.45
N ASP D 94 -18.45 -9.96 -4.37
CA ASP D 94 -17.01 -9.80 -4.29
C ASP D 94 -16.34 -11.10 -3.81
N PRO D 95 -15.09 -11.39 -4.25
CA PRO D 95 -14.20 -10.51 -5.02
C PRO D 95 -14.28 -10.70 -6.53
N PHE D 96 -15.43 -11.13 -7.06
CA PHE D 96 -15.66 -11.15 -8.50
C PHE D 96 -14.51 -11.83 -9.26
N THR D 97 -14.07 -12.96 -8.73
CA THR D 97 -12.86 -13.62 -9.21
C THR D 97 -12.90 -13.95 -10.70
N PHE D 98 -11.86 -13.49 -11.38
CA PHE D 98 -11.55 -13.95 -12.73
C PHE D 98 -10.86 -15.31 -12.69
N GLY D 99 -11.22 -16.21 -13.59
CA GLY D 99 -10.44 -17.40 -13.82
C GLY D 99 -9.10 -17.01 -14.40
N PRO D 100 -8.19 -18.00 -14.50
CA PRO D 100 -6.81 -17.71 -14.92
C PRO D 100 -6.64 -17.42 -16.40
N GLY D 101 -7.62 -17.73 -17.22
CA GLY D 101 -7.48 -17.52 -18.64
C GLY D 101 -7.19 -18.79 -19.44
N THR D 102 -7.73 -18.84 -20.65
CA THR D 102 -7.44 -19.91 -21.60
C THR D 102 -6.96 -19.25 -22.88
N LYS D 103 -5.75 -19.56 -23.32
CA LYS D 103 -5.18 -18.97 -24.53
C LYS D 103 -5.58 -19.81 -25.74
N LEU D 104 -6.24 -19.20 -26.70
CA LEU D 104 -6.74 -19.88 -27.89
C LEU D 104 -5.97 -19.35 -29.09
N ASP D 105 -5.18 -20.23 -29.73
CA ASP D 105 -4.50 -19.97 -31.00
C ASP D 105 -5.24 -20.63 -32.17
N ILE D 106 -5.03 -20.10 -33.38
CA ILE D 106 -5.62 -20.62 -34.60
C ILE D 106 -4.58 -21.49 -35.32
N ARG D 107 -4.91 -22.75 -35.57
CA ARG D 107 -4.08 -23.60 -36.41
C ARG D 107 -4.31 -23.27 -37.87
N ARG D 108 -3.23 -23.23 -38.66
CA ARG D 108 -3.29 -23.08 -40.11
C ARG D 108 -2.17 -23.90 -40.75
N THR D 109 -2.04 -23.78 -42.07
CA THR D 109 -1.02 -24.56 -42.75
C THR D 109 0.34 -23.88 -42.62
N VAL D 110 1.39 -24.69 -42.78
CA VAL D 110 2.74 -24.15 -42.79
C VAL D 110 2.87 -23.08 -43.87
N ALA D 111 3.59 -22.02 -43.51
CA ALA D 111 3.87 -20.90 -44.40
C ALA D 111 5.31 -20.49 -44.16
N ALA D 112 6.14 -20.54 -45.20
CA ALA D 112 7.54 -20.15 -45.07
C ALA D 112 7.65 -18.63 -44.95
N PRO D 113 8.62 -18.15 -44.16
CA PRO D 113 8.76 -16.69 -44.01
C PRO D 113 9.44 -16.07 -45.22
N SER D 114 9.09 -14.81 -45.49
CA SER D 114 9.91 -13.94 -46.32
C SER D 114 10.93 -13.27 -45.41
N VAL D 115 12.21 -13.33 -45.78
CA VAL D 115 13.29 -12.90 -44.91
C VAL D 115 13.92 -11.63 -45.47
N PHE D 116 14.12 -10.65 -44.60
CA PHE D 116 14.70 -9.37 -44.95
C PHE D 116 15.75 -9.01 -43.90
N ILE D 117 16.80 -8.33 -44.35
CA ILE D 117 17.86 -7.90 -43.45
C ILE D 117 18.09 -6.41 -43.64
N PHE D 118 18.38 -5.73 -42.53
CA PHE D 118 18.45 -4.27 -42.48
C PHE D 118 19.78 -3.89 -41.83
N PRO D 119 20.69 -3.24 -42.55
CA PRO D 119 21.92 -2.72 -41.90
C PRO D 119 21.62 -1.49 -41.07
N PRO D 120 22.52 -1.10 -40.17
CA PRO D 120 22.26 0.07 -39.33
C PRO D 120 22.13 1.33 -40.18
N SER D 121 21.33 2.27 -39.66
CA SER D 121 20.98 3.49 -40.36
C SER D 121 22.11 4.52 -40.31
N ASP D 122 21.91 5.63 -41.04
CA ASP D 122 22.88 6.72 -41.04
C ASP D 122 22.86 7.48 -39.71
N GLU D 123 21.69 7.65 -39.13
CA GLU D 123 21.60 8.35 -37.85
C GLU D 123 22.21 7.54 -36.71
N GLN D 124 22.09 6.21 -36.77
CA GLN D 124 22.53 5.40 -35.66
C GLN D 124 24.03 5.22 -35.61
N LEU D 125 24.70 5.18 -36.77
CA LEU D 125 26.16 5.13 -36.76
C LEU D 125 26.73 6.45 -36.29
N LYS D 126 26.06 7.57 -36.60
CA LYS D 126 26.47 8.84 -36.02
C LYS D 126 26.30 8.83 -34.51
N SER D 127 25.52 7.89 -33.98
CA SER D 127 25.29 7.75 -32.55
C SER D 127 26.24 6.75 -31.88
N GLY D 128 27.15 6.14 -32.65
CA GLY D 128 28.14 5.22 -32.10
C GLY D 128 27.69 3.79 -31.87
N THR D 129 26.53 3.37 -32.38
CA THR D 129 26.02 2.03 -32.16
C THR D 129 25.54 1.42 -33.48
N ALA D 130 25.52 0.09 -33.51
CA ALA D 130 25.17 -0.65 -34.72
C ALA D 130 24.16 -1.74 -34.37
N SER D 131 22.92 -1.55 -34.81
CA SER D 131 21.87 -2.55 -34.67
C SER D 131 21.56 -3.12 -36.04
N VAL D 132 21.76 -4.42 -36.20
CA VAL D 132 21.38 -5.15 -37.41
C VAL D 132 20.07 -5.88 -37.15
N VAL D 133 19.11 -5.76 -38.05
CA VAL D 133 17.76 -6.26 -37.85
C VAL D 133 17.44 -7.29 -38.93
N CYS D 134 17.00 -8.47 -38.51
CA CYS D 134 16.58 -9.53 -39.41
C CYS D 134 15.08 -9.74 -39.23
N LEU D 135 14.33 -9.61 -40.32
CA LEU D 135 12.87 -9.72 -40.27
C LEU D 135 12.40 -10.98 -40.98
N LEU D 136 11.57 -11.77 -40.30
CA LEU D 136 10.85 -12.90 -40.88
C LEU D 136 9.36 -12.54 -40.92
N ASN D 137 8.79 -12.51 -42.11
CA ASN D 137 7.45 -11.98 -42.28
C ASN D 137 6.46 -13.08 -42.65
N ASN D 138 5.34 -13.11 -41.93
CA ASN D 138 4.10 -13.83 -42.27
C ASN D 138 4.35 -15.32 -42.47
N PHE D 139 4.79 -15.99 -41.40
CA PHE D 139 5.12 -17.40 -41.43
C PHE D 139 4.32 -18.14 -40.37
N TYR D 140 4.34 -19.48 -40.48
CA TYR D 140 3.65 -20.38 -39.58
C TYR D 140 4.27 -21.76 -39.70
N PRO D 141 4.48 -22.50 -38.60
CA PRO D 141 4.16 -22.16 -37.20
C PRO D 141 5.15 -21.18 -36.61
N ARG D 142 4.90 -20.80 -35.35
CA ARG D 142 5.62 -19.74 -34.66
C ARG D 142 7.08 -20.08 -34.48
N GLU D 143 7.41 -21.36 -34.32
CA GLU D 143 8.76 -21.73 -33.92
C GLU D 143 9.73 -21.58 -35.09
N ALA D 144 10.83 -20.87 -34.83
CA ALA D 144 11.83 -20.67 -35.86
C ALA D 144 13.18 -20.44 -35.18
N LYS D 145 14.24 -20.70 -35.93
CA LYS D 145 15.61 -20.55 -35.42
C LYS D 145 16.31 -19.52 -36.29
N VAL D 146 16.71 -18.42 -35.69
CA VAL D 146 17.47 -17.37 -36.34
C VAL D 146 18.87 -17.36 -35.73
N GLN D 147 19.88 -17.47 -36.58
CA GLN D 147 21.27 -17.49 -36.16
C GLN D 147 22.03 -16.39 -36.88
N TRP D 148 22.80 -15.62 -36.11
CA TRP D 148 23.65 -14.57 -36.65
C TRP D 148 25.05 -15.11 -36.86
N LYS D 149 25.67 -14.69 -37.97
CA LYS D 149 27.02 -15.11 -38.31
C LYS D 149 27.75 -13.88 -38.83
N VAL D 150 28.89 -13.58 -38.21
CA VAL D 150 29.75 -12.45 -38.58
C VAL D 150 31.08 -13.02 -39.04
N ASP D 151 31.44 -12.78 -40.30
CA ASP D 151 32.61 -13.41 -40.90
C ASP D 151 32.54 -14.93 -40.72
N ASN D 152 31.32 -15.47 -40.83
CA ASN D 152 31.08 -16.91 -40.67
C ASN D 152 31.42 -17.38 -39.26
N ALA D 153 31.08 -16.57 -38.26
CA ALA D 153 31.31 -16.90 -36.86
C ALA D 153 29.97 -16.82 -36.13
N LEU D 154 29.48 -17.98 -35.66
CA LEU D 154 28.24 -18.01 -34.90
C LEU D 154 28.33 -17.09 -33.70
N GLN D 155 27.24 -16.33 -33.49
CA GLN D 155 27.13 -15.39 -32.37
C GLN D 155 26.25 -15.98 -31.28
N SER D 156 26.53 -15.59 -30.05
CA SER D 156 25.76 -16.07 -28.90
C SER D 156 25.85 -15.03 -27.78
N GLY D 157 24.70 -14.49 -27.39
CA GLY D 157 24.61 -13.58 -26.27
C GLY D 157 24.39 -12.13 -26.66
N ASN D 158 24.60 -11.76 -27.92
CA ASN D 158 24.51 -10.37 -28.37
C ASN D 158 23.30 -10.10 -29.26
N SER D 159 22.26 -10.91 -29.17
CA SER D 159 21.07 -10.68 -29.99
C SER D 159 19.81 -10.85 -29.14
N GLN D 160 18.75 -10.23 -29.62
CA GLN D 160 17.43 -10.37 -29.01
C GLN D 160 16.40 -10.42 -30.12
N GLU D 161 15.26 -11.05 -29.82
CA GLU D 161 14.21 -11.18 -30.82
C GLU D 161 12.85 -11.05 -30.15
N SER D 162 11.86 -10.68 -30.95
CA SER D 162 10.50 -10.63 -30.47
C SER D 162 9.57 -11.01 -31.61
N VAL D 163 8.39 -11.51 -31.25
CA VAL D 163 7.46 -12.13 -32.18
C VAL D 163 6.12 -11.44 -32.03
N THR D 164 5.45 -11.19 -33.15
CA THR D 164 4.12 -10.58 -33.11
C THR D 164 3.08 -11.59 -32.61
N GLU D 165 1.91 -11.05 -32.27
CA GLU D 165 0.73 -11.89 -32.09
C GLU D 165 0.29 -12.44 -33.44
N GLN D 166 -0.64 -13.40 -33.42
CA GLN D 166 -1.18 -13.95 -34.66
C GLN D 166 -1.89 -12.87 -35.44
N ASP D 167 -1.72 -12.89 -36.74
CA ASP D 167 -2.47 -12.01 -37.62
C ASP D 167 -3.96 -12.38 -37.58
N SER D 168 -4.82 -11.38 -37.47
CA SER D 168 -6.25 -11.62 -37.27
C SER D 168 -6.94 -12.09 -38.52
N LYS D 169 -6.29 -12.06 -39.69
CA LYS D 169 -6.86 -12.55 -40.93
C LYS D 169 -6.18 -13.82 -41.42
N ASP D 170 -4.86 -13.88 -41.51
CA ASP D 170 -4.19 -15.02 -42.10
C ASP D 170 -3.49 -15.90 -41.07
N SER D 171 -3.54 -15.53 -39.78
CA SER D 171 -3.13 -16.40 -38.67
C SER D 171 -1.63 -16.69 -38.68
N THR D 172 -0.83 -15.87 -39.36
CA THR D 172 0.61 -16.06 -39.40
C THR D 172 1.28 -15.25 -38.29
N TYR D 173 2.60 -15.43 -38.18
CA TYR D 173 3.42 -14.69 -37.24
C TYR D 173 4.49 -13.95 -38.01
N SER D 174 5.08 -12.95 -37.36
CA SER D 174 6.24 -12.26 -37.87
C SER D 174 7.22 -12.12 -36.72
N LEU D 175 8.51 -12.12 -37.06
CA LEU D 175 9.55 -12.13 -36.05
C LEU D 175 10.63 -11.12 -36.41
N SER D 176 11.14 -10.45 -35.39
CA SER D 176 12.26 -9.53 -35.48
C SER D 176 13.44 -10.09 -34.69
N SER D 177 14.63 -10.00 -35.26
CA SER D 177 15.86 -10.34 -34.55
C SER D 177 16.85 -9.18 -34.69
N THR D 178 17.35 -8.69 -33.56
CA THR D 178 18.27 -7.56 -33.52
C THR D 178 19.63 -8.01 -33.00
N LEU D 179 20.66 -7.80 -33.81
CA LEU D 179 22.06 -7.99 -33.41
C LEU D 179 22.66 -6.64 -33.05
N THR D 180 23.12 -6.51 -31.81
CA THR D 180 23.63 -5.24 -31.31
C THR D 180 25.12 -5.37 -31.08
N LEU D 181 25.91 -4.60 -31.83
CA LEU D 181 27.34 -4.50 -31.64
C LEU D 181 27.72 -3.05 -31.36
N SER D 182 28.93 -2.86 -30.83
CA SER D 182 29.53 -1.52 -30.81
C SER D 182 29.84 -1.12 -32.25
N LYS D 183 29.84 0.20 -32.50
CA LYS D 183 30.25 0.65 -33.84
C LYS D 183 31.71 0.30 -34.12
N ALA D 184 32.54 0.27 -33.07
CA ALA D 184 33.94 -0.13 -33.23
C ALA D 184 34.02 -1.58 -33.68
N ASP D 185 33.25 -2.47 -33.03
CA ASP D 185 33.23 -3.87 -33.42
C ASP D 185 32.56 -4.08 -34.77
N TYR D 186 31.61 -3.21 -35.13
CA TYR D 186 30.86 -3.40 -36.37
C TYR D 186 31.73 -3.07 -37.58
N GLU D 187 32.57 -2.05 -37.46
CA GLU D 187 33.33 -1.58 -38.60
C GLU D 187 34.61 -2.38 -38.85
N LYS D 188 34.94 -3.33 -37.99
CA LYS D 188 36.08 -4.21 -38.25
C LYS D 188 35.72 -5.39 -39.14
N HIS D 189 34.44 -5.58 -39.47
CA HIS D 189 33.98 -6.76 -40.19
C HIS D 189 33.28 -6.36 -41.48
N LYS D 190 33.11 -7.37 -42.34
CA LYS D 190 32.61 -7.17 -43.70
C LYS D 190 31.17 -7.67 -43.86
N VAL D 191 30.92 -8.98 -43.74
CA VAL D 191 29.65 -9.60 -44.10
C VAL D 191 28.89 -9.95 -42.82
N TYR D 192 27.64 -9.50 -42.74
CA TYR D 192 26.75 -9.89 -41.67
C TYR D 192 25.62 -10.67 -42.31
N ALA D 193 25.31 -11.83 -41.73
CA ALA D 193 24.33 -12.74 -42.30
C ALA D 193 23.33 -13.20 -41.26
N CYS D 194 22.06 -13.31 -41.67
CA CYS D 194 20.99 -13.91 -40.89
C CYS D 194 20.66 -15.26 -41.52
N GLU D 195 20.73 -16.33 -40.73
CA GLU D 195 20.43 -17.68 -41.22
C GLU D 195 19.16 -18.20 -40.54
N VAL D 196 18.16 -18.57 -41.33
CA VAL D 196 16.84 -18.90 -40.83
C VAL D 196 16.53 -20.34 -41.18
N THR D 197 16.11 -21.11 -40.19
CA THR D 197 15.60 -22.45 -40.40
C THR D 197 14.16 -22.51 -39.89
N HIS D 198 13.29 -23.20 -40.62
CA HIS D 198 11.88 -23.20 -40.32
C HIS D 198 11.22 -24.34 -41.09
N GLN D 199 10.16 -24.91 -40.50
CA GLN D 199 9.47 -26.05 -41.11
C GLN D 199 9.14 -25.80 -42.58
N GLY D 200 8.79 -24.56 -42.93
CA GLY D 200 8.45 -24.26 -44.32
C GLY D 200 9.61 -24.19 -45.29
N LEU D 201 10.84 -24.27 -44.78
CA LEU D 201 12.04 -24.16 -45.61
C LEU D 201 12.70 -25.53 -45.68
N SER D 202 12.86 -26.06 -46.89
CA SER D 202 13.50 -27.36 -47.07
C SER D 202 14.95 -27.33 -46.63
N SER D 203 15.59 -26.16 -46.62
CA SER D 203 16.95 -26.00 -46.11
C SER D 203 17.11 -24.57 -45.65
N PRO D 204 18.00 -24.30 -44.70
CA PRO D 204 18.12 -22.94 -44.16
C PRO D 204 18.28 -21.88 -45.24
N VAL D 205 17.75 -20.70 -44.97
CA VAL D 205 17.87 -19.55 -45.87
C VAL D 205 18.79 -18.53 -45.21
N THR D 206 19.69 -17.95 -46.00
CA THR D 206 20.63 -16.94 -45.52
C THR D 206 20.40 -15.64 -46.25
N LYS D 207 20.33 -14.55 -45.48
CA LYS D 207 20.24 -13.20 -46.00
C LYS D 207 21.36 -12.40 -45.37
N SER D 208 22.23 -11.81 -46.21
CA SER D 208 23.44 -11.16 -45.72
C SER D 208 23.71 -9.90 -46.52
N PHE D 209 24.68 -9.12 -46.05
CA PHE D 209 25.10 -7.91 -46.73
C PHE D 209 26.58 -7.68 -46.43
N ASN D 210 27.23 -6.90 -47.30
CA ASN D 210 28.62 -6.49 -47.09
C ASN D 210 28.69 -5.10 -46.46
N LEU E 1 -15.18 -9.65 6.32
CA LEU E 1 -16.06 -8.51 6.14
C LEU E 1 -17.26 -8.90 5.27
N GLN E 2 -18.39 -8.20 5.46
CA GLN E 2 -19.62 -8.57 4.76
C GLN E 2 -19.48 -8.40 3.25
N LYS E 3 -20.09 -9.33 2.52
CA LYS E 3 -20.03 -9.35 1.07
C LYS E 3 -21.12 -8.47 0.46
N LEU E 4 -20.87 -8.05 -0.78
CA LEU E 4 -21.85 -7.27 -1.53
C LEU E 4 -23.09 -8.13 -1.80
N ASN E 5 -24.23 -7.77 -1.22
CA ASN E 5 -25.44 -8.62 -1.27
C ASN E 5 -26.57 -7.90 -2.01
N SER E 6 -27.73 -8.56 -2.09
CA SER E 6 -28.78 -8.06 -2.95
C SER E 6 -29.38 -6.76 -2.40
N TRP E 7 -29.32 -6.56 -1.08
CA TRP E 7 -29.77 -5.28 -0.53
C TRP E 7 -28.81 -4.15 -0.88
N ASP E 8 -27.51 -4.44 -1.01
CA ASP E 8 -26.55 -3.44 -1.47
C ASP E 8 -26.77 -3.10 -2.95
N VAL E 9 -27.14 -4.08 -3.76
CA VAL E 9 -27.48 -3.83 -5.16
C VAL E 9 -28.72 -2.96 -5.25
N PHE E 10 -29.75 -3.31 -4.48
CA PHE E 10 -30.99 -2.55 -4.55
C PHE E 10 -30.79 -1.14 -4.02
N GLY E 11 -30.03 -1.00 -2.93
CA GLY E 11 -29.85 0.31 -2.33
C GLY E 11 -29.13 1.28 -3.24
N ASN E 12 -28.23 0.76 -4.10
CA ASN E 12 -27.52 1.62 -5.05
C ASN E 12 -28.40 2.12 -6.21
N TRP E 13 -29.67 1.80 -6.25
CA TRP E 13 -30.59 2.41 -7.19
C TRP E 13 -31.17 3.72 -6.66
N PHE E 14 -30.74 4.19 -5.49
CA PHE E 14 -31.37 5.33 -4.84
C PHE E 14 -30.32 6.36 -4.42
N ASP E 15 -30.72 7.63 -4.48
CA ASP E 15 -30.00 8.73 -3.82
C ASP E 15 -30.71 9.00 -2.48
N LEU F 1 -20.98 -12.79 44.37
CA LEU F 1 -20.08 -13.76 43.78
C LEU F 1 -18.79 -13.84 44.60
N GLN F 2 -18.26 -15.05 44.77
CA GLN F 2 -17.10 -15.27 45.64
C GLN F 2 -16.01 -14.25 45.37
N LYS F 3 -15.29 -13.87 46.43
CA LYS F 3 -14.24 -12.86 46.41
C LYS F 3 -12.90 -13.51 46.79
N LEU F 4 -11.84 -13.01 46.21
CA LEU F 4 -10.54 -13.65 46.37
C LEU F 4 -10.04 -13.42 47.80
N ASN F 5 -9.90 -14.51 48.54
CA ASN F 5 -9.48 -14.44 49.94
C ASN F 5 -8.22 -15.27 50.16
N SER F 6 -7.79 -15.34 51.44
CA SER F 6 -6.52 -16.00 51.76
C SER F 6 -6.59 -17.50 51.44
N TRP F 7 -7.77 -18.10 51.53
CA TRP F 7 -7.85 -19.51 51.14
C TRP F 7 -7.59 -19.69 49.64
N ASP F 8 -8.09 -18.77 48.82
CA ASP F 8 -7.81 -18.85 47.38
C ASP F 8 -6.32 -18.63 47.10
N VAL F 9 -5.69 -17.67 47.78
CA VAL F 9 -4.26 -17.46 47.60
C VAL F 9 -3.52 -18.75 47.95
N PHE F 10 -3.83 -19.31 49.11
CA PHE F 10 -3.13 -20.48 49.59
C PHE F 10 -3.38 -21.67 48.69
N GLY F 11 -4.63 -21.85 48.25
CA GLY F 11 -4.95 -22.99 47.40
C GLY F 11 -4.17 -22.97 46.11
N ASN F 12 -3.77 -21.76 45.64
CA ASN F 12 -3.07 -21.66 44.36
C ASN F 12 -1.58 -22.00 44.47
N TRP F 13 -1.11 -22.44 45.64
CA TRP F 13 0.23 -23.01 45.78
C TRP F 13 0.27 -24.52 45.54
N PHE F 14 -0.87 -25.17 45.43
CA PHE F 14 -0.91 -26.62 45.32
C PHE F 14 -1.02 -27.10 43.88
N ASP F 15 -0.28 -28.15 43.56
CA ASP F 15 -0.17 -28.69 42.19
C ASP F 15 0.73 -27.77 41.35
#